data_9B4Y
#
_entry.id   9B4Y
#
_cell.length_a   1.00
_cell.length_b   1.00
_cell.length_c   1.00
_cell.angle_alpha   90.00
_cell.angle_beta   90.00
_cell.angle_gamma   90.00
#
_symmetry.space_group_name_H-M   'P 1'
#
loop_
_entity.id
_entity.type
_entity.pdbx_description
1 polymer 'Importin subunit beta-1'
2 polymer 'Importin subunit alpha-1'
#
loop_
_entity_poly.entity_id
_entity_poly.type
_entity_poly.pdbx_seq_one_letter_code
_entity_poly.pdbx_strand_id
1 'polypeptide(L)'
;MELITILEKTVSPDRLELEAAQKFLERAAVENLPTFLVELSRVLANPGNSQVARVAAGLQIKNSLTSKDPDIKAQYQQRW
LAIDANARREVKNYVLHTLGTETYRPSSASQCVAGIACAEIPVNQWPELIPQLVANVTNPNSTEHMKESTLEAIGYICQD
IDPEQLQDKSNEILTAIIQGMRKEEPSNNVKLAATNALLNSLEFTKANFDKESERHFIMQVVCEATQCPDTRVRVAALQN
LVKIMSLYYQYMETYMGPALFAITIEAMKSDIDEVALQGIEFWSNVCDEEMDLAIEASEAAEQGRPPEHTSKFYAKGALQ
YLVPILTQTLTKQDENDDDDDWNPCKAAGVCLMLLATCCEDDIVPHVLPFIKEHIKNPDWRYRDAAVMAFGCILEGPEPS
QLKPLVIQAMPTLIELMKDPSVVVRDTAAWTVGRICELLPEAAINDVYLAPLLQCLIEGLSAEPRVASNVCWAFSSLAEA
AYEAADVADDQEEPATYCLSSSFELIVQKLLETTDRPDGHQNNLRSSAYESLMEIVKNSAKDCYPAVQKTTLVIMERLQQ
VLQMESHIQSTSDRIQFNDLQSLLCATLQNVLRKVQHQDALQISDVVMASLLRMFQSTAGSGGVQEDALMAVSTLVEVLG
GEFLKYMEAFKPFLGIGLKNYAEYQVCLAAVGLVGDLCRALQSNIIPFCDEVMQLLLENLGNENVHRSVKPQILSVFGDI
ALAIGGEFKKYLEVVLNTLQQASQAQVDKSDYDMVDYLNELRESCLEAYTGIVQGLKGDQENVHPDVMLVQPRVEFILSF
IDHIAGDEDHTDGVVACAAGLIGDLCTAFGKDVLKLVEARPMIHELLTEGRRSKTNKAKTLARWATKELRKLKNQA
;
A
2 'polypeptide(L)' AARLHRFKNKGKDSTEMRRRRIEVNVELRKAKKDDQMLKRRNV B
#
# COMPACT_ATOMS: atom_id res chain seq x y z
N MET A 1 -10.14 -38.90 -33.72
CA MET A 1 -8.80 -39.35 -33.36
C MET A 1 -8.72 -39.58 -31.86
N GLU A 2 -7.80 -40.46 -31.44
CA GLU A 2 -7.70 -40.82 -30.03
C GLU A 2 -7.24 -39.63 -29.20
N LEU A 3 -7.90 -39.42 -28.05
CA LEU A 3 -7.52 -38.35 -27.15
C LEU A 3 -6.23 -38.65 -26.40
N ILE A 4 -5.83 -39.92 -26.32
CA ILE A 4 -4.55 -40.26 -25.70
C ILE A 4 -3.40 -39.66 -26.49
N THR A 5 -3.45 -39.73 -27.82
CA THR A 5 -2.43 -39.11 -28.64
C THR A 5 -2.45 -37.59 -28.48
N ILE A 6 -3.63 -37.02 -28.24
CA ILE A 6 -3.73 -35.58 -28.01
C ILE A 6 -2.95 -35.19 -26.74
N LEU A 7 -3.08 -35.99 -25.69
CA LEU A 7 -2.35 -35.71 -24.45
C LEU A 7 -0.83 -35.79 -24.66
N GLU A 8 -0.38 -36.61 -25.61
CA GLU A 8 1.04 -36.69 -25.89
C GLU A 8 1.52 -35.48 -26.69
N LYS A 9 0.69 -34.98 -27.61
CA LYS A 9 1.11 -33.89 -28.49
C LYS A 9 1.22 -32.56 -27.75
N THR A 10 0.40 -32.33 -26.72
CA THR A 10 0.45 -31.07 -25.99
C THR A 10 1.74 -30.91 -25.20
N VAL A 11 2.53 -31.97 -25.04
CA VAL A 11 3.85 -31.86 -24.43
C VAL A 11 4.97 -32.01 -25.46
N SER A 12 4.69 -32.49 -26.66
CA SER A 12 5.73 -32.65 -27.67
C SER A 12 6.18 -31.28 -28.16
N PRO A 13 7.45 -31.15 -28.57
CA PRO A 13 7.98 -29.86 -29.04
C PRO A 13 7.58 -29.54 -30.49
N ASP A 14 6.37 -29.00 -30.65
CA ASP A 14 5.87 -28.58 -31.95
C ASP A 14 4.82 -27.50 -31.74
N ARG A 15 5.06 -26.32 -32.30
CA ARG A 15 4.13 -25.20 -32.09
C ARG A 15 2.77 -25.47 -32.70
N LEU A 16 2.72 -26.08 -33.88
CA LEU A 16 1.45 -26.34 -34.54
C LEU A 16 0.58 -27.30 -33.73
N GLU A 17 1.20 -28.31 -33.13
CA GLU A 17 0.45 -29.28 -32.33
C GLU A 17 -0.17 -28.61 -31.09
N LEU A 18 0.56 -27.70 -30.47
CA LEU A 18 0.07 -27.07 -29.23
C LEU A 18 -1.19 -26.27 -29.49
N GLU A 19 -1.21 -25.46 -30.56
CA GLU A 19 -2.38 -24.66 -30.85
C GLU A 19 -3.56 -25.51 -31.32
N ALA A 20 -3.28 -26.56 -32.10
CA ALA A 20 -4.35 -27.45 -32.55
C ALA A 20 -4.98 -28.19 -31.37
N ALA A 21 -4.15 -28.70 -30.46
CA ALA A 21 -4.68 -29.37 -29.27
C ALA A 21 -5.44 -28.41 -28.38
N GLN A 22 -4.90 -27.21 -28.17
CA GLN A 22 -5.58 -26.22 -27.33
C GLN A 22 -6.92 -25.82 -27.93
N LYS A 23 -6.96 -25.59 -29.25
CA LYS A 23 -8.21 -25.22 -29.91
C LYS A 23 -9.22 -26.35 -29.83
N PHE A 24 -8.79 -27.59 -30.07
CA PHE A 24 -9.71 -28.72 -30.04
C PHE A 24 -10.25 -28.95 -28.63
N LEU A 25 -9.37 -28.91 -27.61
CA LEU A 25 -9.81 -29.10 -26.24
C LEU A 25 -10.75 -27.99 -25.80
N GLU A 26 -10.42 -26.74 -26.12
CA GLU A 26 -11.30 -25.62 -25.76
C GLU A 26 -12.64 -25.73 -26.48
N ARG A 27 -12.62 -26.05 -27.78
CA ARG A 27 -13.86 -26.19 -28.53
C ARG A 27 -14.70 -27.35 -27.99
N ALA A 28 -14.07 -28.49 -27.72
CA ALA A 28 -14.80 -29.65 -27.22
C ALA A 28 -15.39 -29.39 -25.84
N ALA A 29 -14.66 -28.70 -24.97
CA ALA A 29 -15.18 -28.40 -23.64
C ALA A 29 -16.43 -27.52 -23.71
N VAL A 30 -16.41 -26.51 -24.59
CA VAL A 30 -17.59 -25.68 -24.75
C VAL A 30 -18.70 -26.46 -25.47
N GLU A 31 -18.34 -27.24 -26.49
CA GLU A 31 -19.34 -27.97 -27.26
C GLU A 31 -20.05 -29.02 -26.39
N ASN A 32 -19.29 -29.88 -25.72
CA ASN A 32 -19.86 -30.92 -24.85
C ASN A 32 -19.00 -31.00 -23.59
N LEU A 33 -19.37 -30.20 -22.58
CA LEU A 33 -18.63 -30.24 -21.33
C LEU A 33 -18.80 -31.56 -20.59
N PRO A 34 -20.02 -32.10 -20.38
CA PRO A 34 -20.12 -33.31 -19.55
C PRO A 34 -19.47 -34.54 -20.16
N THR A 35 -19.78 -34.85 -21.41
CA THR A 35 -19.28 -36.09 -22.01
C THR A 35 -17.76 -36.09 -22.14
N PHE A 36 -17.19 -34.96 -22.59
CA PHE A 36 -15.75 -34.90 -22.80
C PHE A 36 -14.98 -35.05 -21.49
N LEU A 37 -15.47 -34.43 -20.42
CA LEU A 37 -14.81 -34.57 -19.12
C LEU A 37 -14.87 -36.01 -18.62
N VAL A 38 -16.00 -36.70 -18.86
CA VAL A 38 -16.09 -38.11 -18.51
C VAL A 38 -15.07 -38.92 -19.28
N GLU A 39 -14.92 -38.63 -20.58
CA GLU A 39 -13.92 -39.32 -21.39
C GLU A 39 -12.51 -39.01 -20.88
N LEU A 40 -12.24 -37.77 -20.51
CA LEU A 40 -10.93 -37.41 -19.98
C LEU A 40 -10.67 -38.14 -18.66
N SER A 41 -11.67 -38.19 -17.78
CA SER A 41 -11.49 -38.87 -16.50
C SER A 41 -11.27 -40.37 -16.68
N ARG A 42 -11.92 -40.97 -17.67
CA ARG A 42 -11.73 -42.40 -17.92
C ARG A 42 -10.30 -42.71 -18.34
N VAL A 43 -9.71 -41.86 -19.18
CA VAL A 43 -8.36 -42.12 -19.68
C VAL A 43 -7.33 -41.99 -18.56
N LEU A 44 -7.41 -40.92 -17.77
CA LEU A 44 -6.44 -40.70 -16.71
C LEU A 44 -6.55 -41.73 -15.59
N ALA A 45 -7.75 -42.25 -15.35
CA ALA A 45 -7.92 -43.28 -14.31
C ALA A 45 -7.21 -44.57 -14.65
N ASN A 46 -6.92 -44.82 -15.93
CA ASN A 46 -6.25 -46.05 -16.32
C ASN A 46 -4.78 -46.01 -15.95
N PRO A 47 -4.28 -46.93 -15.13
CA PRO A 47 -2.85 -46.93 -14.79
C PRO A 47 -1.96 -47.31 -15.96
N GLY A 48 -2.48 -47.97 -16.99
CA GLY A 48 -1.67 -48.43 -18.10
C GLY A 48 -1.23 -47.34 -19.06
N ASN A 49 -1.84 -46.16 -18.98
CA ASN A 49 -1.44 -45.06 -19.84
C ASN A 49 -0.10 -44.48 -19.41
N SER A 50 0.60 -43.88 -20.37
CA SER A 50 1.90 -43.28 -20.08
C SER A 50 1.75 -42.13 -19.09
N GLN A 51 2.73 -41.99 -18.21
CA GLN A 51 2.68 -40.96 -17.18
C GLN A 51 2.67 -39.56 -17.78
N VAL A 52 3.35 -39.37 -18.91
CA VAL A 52 3.37 -38.05 -19.56
C VAL A 52 1.97 -37.64 -19.97
N ALA A 53 1.21 -38.57 -20.56
CA ALA A 53 -0.18 -38.27 -20.94
C ALA A 53 -1.03 -37.96 -19.71
N ARG A 54 -0.84 -38.72 -18.63
CA ARG A 54 -1.61 -38.48 -17.41
C ARG A 54 -1.30 -37.10 -16.82
N VAL A 55 -0.02 -36.70 -16.84
CA VAL A 55 0.34 -35.36 -16.38
C VAL A 55 -0.30 -34.31 -17.28
N ALA A 56 -0.26 -34.53 -18.60
CA ALA A 56 -0.88 -33.59 -19.53
C ALA A 56 -2.38 -33.51 -19.32
N ALA A 57 -3.02 -34.66 -19.09
CA ALA A 57 -4.46 -34.65 -18.80
C ALA A 57 -4.75 -33.92 -17.50
N GLY A 58 -3.90 -34.09 -16.48
CA GLY A 58 -4.12 -33.41 -15.22
C GLY A 58 -4.05 -31.90 -15.33
N LEU A 59 -3.04 -31.39 -16.03
CA LEU A 59 -2.91 -29.94 -16.18
C LEU A 59 -3.99 -29.38 -17.09
N GLN A 60 -4.39 -30.12 -18.13
CA GLN A 60 -5.47 -29.66 -19.00
C GLN A 60 -6.78 -29.50 -18.23
N ILE A 61 -7.10 -30.49 -17.39
CA ILE A 61 -8.28 -30.37 -16.54
C ILE A 61 -8.08 -29.26 -15.51
N LYS A 62 -6.86 -29.14 -14.99
CA LYS A 62 -6.56 -28.04 -14.07
C LYS A 62 -6.77 -26.69 -14.73
N ASN A 63 -6.29 -26.54 -15.98
CA ASN A 63 -6.48 -25.29 -16.69
C ASN A 63 -7.96 -24.99 -16.93
N SER A 64 -8.74 -26.01 -17.29
CA SER A 64 -10.18 -25.80 -17.50
C SER A 64 -10.90 -25.49 -16.19
N LEU A 65 -10.57 -26.20 -15.11
CA LEU A 65 -11.23 -26.03 -13.83
C LEU A 65 -10.86 -24.74 -13.11
N THR A 66 -9.58 -24.39 -13.06
CA THR A 66 -9.13 -23.22 -12.32
C THR A 66 -8.17 -22.41 -13.18
N SER A 67 -7.96 -21.16 -12.77
CA SER A 67 -7.15 -20.21 -13.51
C SER A 67 -6.48 -19.28 -12.50
N LYS A 68 -5.95 -18.15 -12.98
CA LYS A 68 -5.31 -17.18 -12.11
C LYS A 68 -6.26 -16.05 -11.73
N ASP A 69 -7.04 -15.54 -12.69
CA ASP A 69 -7.97 -14.46 -12.41
C ASP A 69 -9.20 -15.02 -11.69
N PRO A 70 -9.54 -14.51 -10.51
CA PRO A 70 -10.68 -15.06 -9.76
C PRO A 70 -12.00 -15.01 -10.51
N ASP A 71 -12.25 -13.94 -11.29
CA ASP A 71 -13.52 -13.86 -12.01
C ASP A 71 -13.65 -14.97 -13.05
N ILE A 72 -12.57 -15.28 -13.76
CA ILE A 72 -12.60 -16.39 -14.72
C ILE A 72 -12.84 -17.71 -14.00
N LYS A 73 -12.19 -17.91 -12.85
CA LYS A 73 -12.42 -19.11 -12.06
C LYS A 73 -13.86 -19.18 -11.57
N ALA A 74 -14.41 -18.05 -11.13
CA ALA A 74 -15.75 -18.04 -10.55
C ALA A 74 -16.80 -18.48 -11.54
N GLN A 75 -16.74 -17.97 -12.78
CA GLN A 75 -17.73 -18.35 -13.78
C GLN A 75 -17.52 -19.80 -14.24
N TYR A 76 -16.28 -20.28 -14.21
CA TYR A 76 -16.05 -21.70 -14.48
C TYR A 76 -16.70 -22.58 -13.41
N GLN A 77 -16.67 -22.13 -12.16
CA GLN A 77 -17.36 -22.87 -11.10
C GLN A 77 -18.87 -22.94 -11.36
N GLN A 78 -19.47 -21.83 -11.78
CA GLN A 78 -20.88 -21.84 -12.11
C GLN A 78 -21.18 -22.73 -13.30
N ARG A 79 -20.28 -22.75 -14.29
CA ARG A 79 -20.45 -23.64 -15.44
C ARG A 79 -20.41 -25.10 -15.02
N TRP A 80 -19.51 -25.44 -14.09
CA TRP A 80 -19.36 -26.84 -13.67
C TRP A 80 -20.59 -27.32 -12.91
N LEU A 81 -21.12 -26.51 -12.00
CA LEU A 81 -22.25 -26.94 -11.19
C LEU A 81 -23.54 -27.11 -11.99
N ALA A 82 -23.64 -26.48 -13.16
CA ALA A 82 -24.79 -26.65 -14.03
C ALA A 82 -24.81 -28.01 -14.72
N ILE A 83 -23.70 -28.74 -14.68
CA ILE A 83 -23.65 -30.07 -15.27
C ILE A 83 -24.50 -31.03 -14.44
N ASP A 84 -25.13 -31.99 -15.12
CA ASP A 84 -26.00 -32.93 -14.43
C ASP A 84 -25.19 -33.79 -13.44
N ALA A 85 -25.89 -34.23 -12.39
CA ALA A 85 -25.23 -34.93 -11.28
C ALA A 85 -24.55 -36.23 -11.71
N ASN A 86 -25.20 -37.02 -12.57
CA ASN A 86 -24.62 -38.29 -12.98
C ASN A 86 -23.27 -38.10 -13.68
N ALA A 87 -23.19 -37.12 -14.58
CA ALA A 87 -21.91 -36.80 -15.21
C ALA A 87 -20.91 -36.27 -14.19
N ARG A 88 -21.36 -35.40 -13.27
CA ARG A 88 -20.48 -34.92 -12.22
C ARG A 88 -20.03 -36.06 -11.31
N ARG A 89 -20.95 -36.97 -10.98
CA ARG A 89 -20.59 -38.09 -10.12
C ARG A 89 -19.72 -39.11 -10.86
N GLU A 90 -19.85 -39.19 -12.19
CA GLU A 90 -19.06 -40.15 -12.96
C GLU A 90 -17.57 -39.83 -12.88
N VAL A 91 -17.21 -38.57 -13.05
CA VAL A 91 -15.80 -38.20 -12.95
C VAL A 91 -15.31 -38.31 -11.51
N LYS A 92 -16.21 -38.12 -10.53
CA LYS A 92 -15.83 -38.29 -9.13
C LYS A 92 -15.38 -39.72 -8.85
N ASN A 93 -16.02 -40.70 -9.51
CA ASN A 93 -15.62 -42.09 -9.33
C ASN A 93 -14.21 -42.34 -9.86
N TYR A 94 -13.91 -41.82 -11.05
CA TYR A 94 -12.58 -42.02 -11.63
C TYR A 94 -11.51 -41.23 -10.89
N VAL A 95 -11.82 -39.99 -10.51
CA VAL A 95 -10.83 -39.14 -9.85
C VAL A 95 -10.42 -39.73 -8.52
N LEU A 96 -11.38 -40.21 -7.72
CA LEU A 96 -11.06 -40.76 -6.42
C LEU A 96 -10.35 -42.11 -6.52
N HIS A 97 -10.37 -42.72 -7.70
CA HIS A 97 -9.66 -43.98 -7.93
C HIS A 97 -8.39 -43.79 -8.74
N THR A 98 -8.15 -42.59 -9.26
CA THR A 98 -6.95 -42.35 -10.07
C THR A 98 -5.71 -42.23 -9.20
N LEU A 99 -5.85 -41.68 -7.99
CA LEU A 99 -4.71 -41.48 -7.12
C LEU A 99 -4.10 -42.82 -6.71
N GLY A 100 -2.77 -42.83 -6.58
CA GLY A 100 -2.04 -44.04 -6.27
C GLY A 100 -1.67 -44.88 -7.48
N THR A 101 -2.11 -44.51 -8.68
CA THR A 101 -1.80 -45.23 -9.89
C THR A 101 -0.69 -44.56 -10.70
N GLU A 102 -0.07 -43.52 -10.17
CA GLU A 102 0.99 -42.79 -10.86
C GLU A 102 2.27 -42.83 -10.03
N THR A 103 3.40 -43.05 -10.70
CA THR A 103 4.70 -43.09 -10.06
C THR A 103 5.34 -41.72 -9.92
N TYR A 104 4.74 -40.68 -10.49
CA TYR A 104 5.27 -39.33 -10.37
C TYR A 104 5.23 -38.85 -8.93
N ARG A 105 6.30 -38.17 -8.51
CA ARG A 105 6.32 -37.64 -7.15
C ARG A 105 5.19 -36.63 -6.90
N PRO A 106 4.91 -35.66 -7.75
CA PRO A 106 3.66 -34.91 -7.64
C PRO A 106 2.52 -35.67 -8.30
N SER A 107 1.31 -35.41 -7.80
CA SER A 107 0.11 -36.06 -8.28
C SER A 107 -0.61 -35.15 -9.28
N SER A 108 -0.73 -35.63 -10.52
CA SER A 108 -1.42 -34.85 -11.54
C SER A 108 -2.90 -34.64 -11.19
N ALA A 109 -3.55 -35.66 -10.66
CA ALA A 109 -4.97 -35.57 -10.34
C ALA A 109 -5.26 -34.72 -9.11
N SER A 110 -4.23 -34.42 -8.29
CA SER A 110 -4.46 -33.61 -7.10
C SER A 110 -4.94 -32.21 -7.47
N GLN A 111 -4.37 -31.61 -8.51
CA GLN A 111 -4.87 -30.35 -9.01
C GLN A 111 -6.31 -30.47 -9.52
N CYS A 112 -6.63 -31.61 -10.15
CA CYS A 112 -8.00 -31.84 -10.61
C CYS A 112 -8.97 -31.93 -9.44
N VAL A 113 -8.52 -32.51 -8.32
CA VAL A 113 -9.38 -32.61 -7.14
C VAL A 113 -9.74 -31.22 -6.64
N ALA A 114 -8.76 -30.31 -6.62
CA ALA A 114 -9.01 -28.96 -6.13
C ALA A 114 -10.03 -28.23 -7.00
N GLY A 115 -9.91 -28.37 -8.33
CA GLY A 115 -10.75 -27.59 -9.22
C GLY A 115 -12.23 -27.96 -9.12
N ILE A 116 -12.53 -29.25 -9.09
CA ILE A 116 -13.93 -29.68 -9.02
C ILE A 116 -14.56 -29.26 -7.70
N ALA A 117 -13.83 -29.41 -6.59
CA ALA A 117 -14.36 -29.08 -5.28
C ALA A 117 -14.51 -27.58 -5.07
N CYS A 118 -13.91 -26.74 -5.92
CA CYS A 118 -14.11 -25.30 -5.80
C CYS A 118 -15.57 -24.92 -5.96
N ALA A 119 -16.32 -25.67 -6.77
CA ALA A 119 -17.76 -25.48 -6.90
C ALA A 119 -18.58 -26.53 -6.16
N GLU A 120 -18.01 -27.70 -5.87
CA GLU A 120 -18.76 -28.75 -5.19
C GLU A 120 -18.96 -28.43 -3.71
N ILE A 121 -17.93 -27.92 -3.04
CA ILE A 121 -18.00 -27.62 -1.61
C ILE A 121 -19.04 -26.55 -1.31
N PRO A 122 -19.08 -25.41 -2.03
CA PRO A 122 -20.12 -24.42 -1.74
C PRO A 122 -21.53 -24.95 -1.97
N VAL A 123 -21.73 -25.83 -2.96
CA VAL A 123 -23.05 -26.40 -3.20
C VAL A 123 -23.26 -27.69 -2.41
N ASN A 124 -22.22 -28.27 -1.83
CA ASN A 124 -22.31 -29.46 -0.98
C ASN A 124 -22.94 -30.64 -1.71
N GLN A 125 -22.65 -30.78 -3.01
CA GLN A 125 -23.17 -31.89 -3.80
C GLN A 125 -22.24 -33.10 -3.79
N TRP A 126 -21.09 -33.00 -3.14
CA TRP A 126 -20.14 -34.11 -3.01
C TRP A 126 -19.79 -34.25 -1.54
N PRO A 127 -20.73 -34.71 -0.71
CA PRO A 127 -20.49 -34.74 0.74
C PRO A 127 -19.59 -35.87 1.21
N GLU A 128 -19.37 -36.90 0.39
CA GLU A 128 -18.56 -38.04 0.79
C GLU A 128 -17.07 -37.84 0.50
N LEU A 129 -16.67 -36.66 0.02
CA LEU A 129 -15.27 -36.41 -0.28
C LEU A 129 -14.40 -36.53 0.97
N ILE A 130 -14.66 -35.67 1.95
CA ILE A 130 -13.82 -35.56 3.15
C ILE A 130 -13.73 -36.90 3.90
N PRO A 131 -14.84 -37.60 4.19
CA PRO A 131 -14.70 -38.90 4.85
C PRO A 131 -13.90 -39.91 4.03
N GLN A 132 -13.96 -39.85 2.71
CA GLN A 132 -13.19 -40.77 1.88
C GLN A 132 -11.69 -40.56 2.07
N LEU A 133 -11.24 -39.30 2.12
CA LEU A 133 -9.81 -39.03 2.24
C LEU A 133 -9.28 -39.48 3.59
N VAL A 134 -10.10 -39.37 4.64
CA VAL A 134 -9.65 -39.79 5.98
C VAL A 134 -9.35 -41.28 5.99
N ALA A 135 -10.22 -42.09 5.37
CA ALA A 135 -10.00 -43.53 5.35
C ALA A 135 -8.74 -43.90 4.58
N ASN A 136 -8.44 -43.18 3.49
CA ASN A 136 -7.26 -43.49 2.70
C ASN A 136 -5.97 -43.30 3.50
N VAL A 137 -5.88 -42.21 4.27
CA VAL A 137 -4.67 -41.96 5.05
C VAL A 137 -4.58 -42.95 6.21
N THR A 138 -5.70 -43.21 6.88
CA THR A 138 -5.72 -44.11 8.02
C THR A 138 -5.52 -45.58 7.63
N ASN A 139 -5.70 -45.92 6.36
CA ASN A 139 -5.56 -47.30 5.91
C ASN A 139 -4.09 -47.71 5.97
N PRO A 140 -3.73 -48.74 6.74
CA PRO A 140 -2.33 -49.18 6.79
C PRO A 140 -1.86 -49.94 5.56
N ASN A 141 -2.78 -50.36 4.69
CA ASN A 141 -2.41 -51.09 3.48
C ASN A 141 -2.17 -50.19 2.29
N SER A 142 -2.31 -48.88 2.45
CA SER A 142 -2.13 -47.95 1.35
C SER A 142 -0.67 -47.88 0.92
N THR A 143 -0.46 -47.69 -0.37
CA THR A 143 0.88 -47.54 -0.92
C THR A 143 1.39 -46.12 -0.67
N GLU A 144 2.70 -45.93 -0.86
CA GLU A 144 3.30 -44.61 -0.65
C GLU A 144 2.70 -43.58 -1.60
N HIS A 145 2.54 -43.94 -2.87
CA HIS A 145 2.00 -43.00 -3.85
C HIS A 145 0.59 -42.57 -3.50
N MET A 146 -0.26 -43.51 -3.08
CA MET A 146 -1.63 -43.17 -2.74
C MET A 146 -1.69 -42.29 -1.49
N LYS A 147 -0.79 -42.52 -0.53
CA LYS A 147 -0.77 -41.69 0.67
C LYS A 147 -0.43 -40.25 0.35
N GLU A 148 0.64 -40.02 -0.42
CA GLU A 148 1.07 -38.66 -0.71
C GLU A 148 0.13 -37.96 -1.69
N SER A 149 -0.45 -38.71 -2.63
CA SER A 149 -1.38 -38.10 -3.59
C SER A 149 -2.59 -37.51 -2.89
N THR A 150 -3.14 -38.24 -1.90
CA THR A 150 -4.25 -37.71 -1.14
C THR A 150 -3.85 -36.48 -0.34
N LEU A 151 -2.68 -36.52 0.31
CA LEU A 151 -2.21 -35.36 1.07
C LEU A 151 -1.96 -34.18 0.15
N GLU A 152 -1.39 -34.42 -1.04
CA GLU A 152 -1.16 -33.34 -1.98
C GLU A 152 -2.47 -32.70 -2.42
N ALA A 153 -3.50 -33.51 -2.66
CA ALA A 153 -4.81 -32.98 -3.00
C ALA A 153 -5.40 -32.19 -1.85
N ILE A 154 -5.17 -32.64 -0.60
CA ILE A 154 -5.68 -31.94 0.56
C ILE A 154 -5.11 -30.53 0.64
N GLY A 155 -3.81 -30.39 0.42
CA GLY A 155 -3.20 -29.07 0.44
C GLY A 155 -3.80 -28.14 -0.59
N TYR A 156 -4.05 -28.65 -1.80
CA TYR A 156 -4.69 -27.85 -2.83
C TYR A 156 -6.11 -27.47 -2.46
N ILE A 157 -6.84 -28.34 -1.76
CA ILE A 157 -8.22 -28.06 -1.38
C ILE A 157 -8.28 -26.83 -0.48
N CYS A 158 -7.40 -26.79 0.53
CA CYS A 158 -7.43 -25.69 1.50
C CYS A 158 -6.68 -24.46 1.02
N GLN A 159 -6.04 -24.50 -0.14
CA GLN A 159 -5.29 -23.36 -0.66
C GLN A 159 -6.08 -22.58 -1.70
N ASP A 160 -6.87 -23.27 -2.52
CA ASP A 160 -7.61 -22.61 -3.59
C ASP A 160 -9.01 -22.22 -3.14
N ILE A 161 -9.74 -23.15 -2.50
CA ILE A 161 -11.11 -22.91 -2.10
C ILE A 161 -11.15 -21.91 -0.96
N ASP A 162 -12.25 -21.15 -0.89
CA ASP A 162 -12.40 -20.13 0.13
C ASP A 162 -12.44 -20.76 1.52
N PRO A 163 -11.78 -20.17 2.52
CA PRO A 163 -11.75 -20.76 3.86
C PRO A 163 -13.11 -20.88 4.52
N GLU A 164 -14.07 -20.01 4.21
CA GLU A 164 -15.37 -20.07 4.86
C GLU A 164 -16.10 -21.38 4.56
N GLN A 165 -15.99 -21.88 3.32
CA GLN A 165 -16.68 -23.09 2.92
C GLN A 165 -16.09 -24.36 3.55
N LEU A 166 -14.94 -24.27 4.21
CA LEU A 166 -14.30 -25.41 4.85
C LEU A 166 -14.23 -25.28 6.37
N GLN A 167 -14.96 -24.32 6.94
CA GLN A 167 -14.94 -24.14 8.38
C GLN A 167 -15.52 -25.34 9.12
N ASP A 168 -16.64 -25.89 8.62
CA ASP A 168 -17.32 -26.97 9.32
C ASP A 168 -16.52 -28.27 9.30
N LYS A 169 -15.87 -28.60 8.18
CA LYS A 169 -15.20 -29.88 8.00
C LYS A 169 -13.74 -29.85 8.43
N SER A 170 -13.38 -28.98 9.38
CA SER A 170 -11.99 -28.90 9.83
C SER A 170 -11.59 -30.09 10.69
N ASN A 171 -12.50 -30.59 11.53
CA ASN A 171 -12.14 -31.65 12.47
C ASN A 171 -11.76 -32.95 11.76
N GLU A 172 -12.55 -33.35 10.76
CA GLU A 172 -12.27 -34.61 10.06
C GLU A 172 -10.95 -34.53 9.30
N ILE A 173 -10.70 -33.41 8.62
CA ILE A 173 -9.48 -33.28 7.83
C ILE A 173 -8.25 -33.29 8.73
N LEU A 174 -8.31 -32.59 9.86
CA LEU A 174 -7.17 -32.56 10.77
C LEU A 174 -6.88 -33.93 11.36
N THR A 175 -7.92 -34.74 11.58
CA THR A 175 -7.71 -36.10 12.08
C THR A 175 -6.93 -36.93 11.07
N ALA A 176 -7.23 -36.77 9.78
CA ALA A 176 -6.54 -37.54 8.75
C ALA A 176 -5.09 -37.10 8.59
N ILE A 177 -4.85 -35.78 8.55
CA ILE A 177 -3.50 -35.30 8.27
C ILE A 177 -2.54 -35.65 9.41
N ILE A 178 -3.00 -35.62 10.66
CA ILE A 178 -2.16 -36.00 11.78
C ILE A 178 -1.81 -37.48 11.72
N GLN A 179 -2.76 -38.31 11.25
CA GLN A 179 -2.49 -39.74 11.13
C GLN A 179 -1.33 -40.00 10.17
N GLY A 180 -1.28 -39.29 9.06
CA GLY A 180 -0.16 -39.38 8.15
C GLY A 180 1.05 -38.56 8.54
N MET A 181 0.95 -37.79 9.62
CA MET A 181 2.03 -36.94 10.10
C MET A 181 2.87 -37.61 11.18
N ARG A 182 2.55 -38.85 11.55
CA ARG A 182 3.28 -39.53 12.61
C ARG A 182 4.72 -39.79 12.18
N LYS A 183 5.65 -39.63 13.13
CA LYS A 183 7.06 -39.85 12.87
C LYS A 183 7.40 -41.30 12.54
N GLU A 184 6.49 -42.24 12.82
CA GLU A 184 6.68 -43.64 12.49
C GLU A 184 6.58 -43.92 10.99
N GLU A 185 6.15 -42.96 10.20
CA GLU A 185 6.05 -43.17 8.76
C GLU A 185 7.43 -43.40 8.16
N PRO A 186 7.67 -44.51 7.45
CA PRO A 186 9.00 -44.75 6.88
C PRO A 186 9.37 -43.81 5.75
N SER A 187 8.45 -43.52 4.83
CA SER A 187 8.74 -42.71 3.66
C SER A 187 8.84 -41.24 4.04
N ASN A 188 9.92 -40.59 3.61
CA ASN A 188 10.10 -39.15 3.87
C ASN A 188 9.16 -38.29 3.03
N ASN A 189 8.82 -38.71 1.81
CA ASN A 189 7.96 -37.90 0.96
C ASN A 189 6.57 -37.73 1.55
N VAL A 190 6.10 -38.72 2.32
CA VAL A 190 4.83 -38.59 2.99
C VAL A 190 4.89 -37.48 4.05
N LYS A 191 6.04 -37.35 4.71
CA LYS A 191 6.19 -36.33 5.75
C LYS A 191 6.10 -34.92 5.15
N LEU A 192 6.83 -34.67 4.07
CA LEU A 192 6.81 -33.33 3.46
C LEU A 192 5.44 -33.02 2.86
N ALA A 193 4.79 -34.01 2.27
CA ALA A 193 3.45 -33.81 1.75
C ALA A 193 2.48 -33.45 2.87
N ALA A 194 2.60 -34.13 4.01
CA ALA A 194 1.77 -33.78 5.17
C ALA A 194 2.12 -32.38 5.67
N THR A 195 3.41 -32.04 5.67
CA THR A 195 3.82 -30.73 6.16
C THR A 195 3.29 -29.61 5.27
N ASN A 196 3.37 -29.78 3.95
CA ASN A 196 2.88 -28.76 3.03
C ASN A 196 1.37 -28.58 3.15
N ALA A 197 0.64 -29.69 3.26
CA ALA A 197 -0.81 -29.60 3.39
C ALA A 197 -1.20 -28.98 4.73
N LEU A 198 -0.42 -29.24 5.78
CA LEU A 198 -0.75 -28.72 7.11
C LEU A 198 -0.70 -27.19 7.14
N LEU A 199 0.34 -26.61 6.55
CA LEU A 199 0.50 -25.15 6.61
C LEU A 199 -0.56 -24.43 5.78
N ASN A 200 -1.03 -25.06 4.70
CA ASN A 200 -2.05 -24.45 3.86
C ASN A 200 -3.42 -24.40 4.53
N SER A 201 -3.63 -25.16 5.60
CA SER A 201 -4.92 -25.22 6.28
C SER A 201 -4.87 -24.69 7.71
N LEU A 202 -4.05 -23.68 7.98
CA LEU A 202 -3.97 -23.15 9.34
C LEU A 202 -4.99 -22.04 9.60
N GLU A 203 -5.79 -21.66 8.60
CA GLU A 203 -6.70 -20.55 8.75
C GLU A 203 -8.08 -20.95 9.29
N PHE A 204 -8.38 -22.24 9.36
CA PHE A 204 -9.66 -22.71 9.88
C PHE A 204 -9.45 -23.86 10.85
N THR A 205 -8.25 -24.00 11.38
CA THR A 205 -7.95 -25.01 12.38
C THR A 205 -8.25 -24.54 13.81
N LYS A 206 -8.80 -23.33 13.96
CA LYS A 206 -9.13 -22.82 15.29
C LYS A 206 -10.18 -23.67 15.99
N ALA A 207 -11.05 -24.36 15.23
CA ALA A 207 -11.99 -25.28 15.85
C ALA A 207 -11.28 -26.42 16.55
N ASN A 208 -10.09 -26.78 16.09
CA ASN A 208 -9.25 -27.77 16.76
C ASN A 208 -8.26 -27.14 17.72
N PHE A 209 -8.01 -25.84 17.61
CA PHE A 209 -7.04 -25.15 18.45
C PHE A 209 -7.51 -25.03 19.91
N ASP A 210 -8.82 -24.92 20.14
CA ASP A 210 -9.32 -24.70 21.49
C ASP A 210 -9.03 -25.85 22.43
N LYS A 211 -8.90 -27.07 21.93
CA LYS A 211 -8.62 -28.22 22.78
C LYS A 211 -7.14 -28.30 23.10
N GLU A 212 -6.79 -28.11 24.37
CA GLU A 212 -5.39 -28.10 24.78
C GLU A 212 -4.74 -29.46 24.54
N SER A 213 -5.45 -30.55 24.83
CA SER A 213 -4.90 -31.88 24.59
C SER A 213 -4.62 -32.10 23.11
N GLU A 214 -5.54 -31.68 22.24
CA GLU A 214 -5.30 -31.76 20.80
C GLU A 214 -4.21 -30.79 20.38
N ARG A 215 -4.19 -29.59 20.97
CA ARG A 215 -3.16 -28.61 20.65
C ARG A 215 -1.77 -29.14 21.01
N HIS A 216 -1.65 -29.78 22.17
CA HIS A 216 -0.38 -30.40 22.54
C HIS A 216 -0.05 -31.55 21.60
N PHE A 217 -1.07 -32.28 21.13
CA PHE A 217 -0.85 -33.38 20.21
C PHE A 217 -0.28 -32.89 18.88
N ILE A 218 -0.84 -31.80 18.35
CA ILE A 218 -0.39 -31.29 17.06
C ILE A 218 1.04 -30.76 17.15
N MET A 219 1.33 -29.96 18.18
CA MET A 219 2.68 -29.43 18.34
C MET A 219 3.68 -30.52 18.69
N GLN A 220 3.22 -31.63 19.28
CA GLN A 220 4.11 -32.75 19.54
C GLN A 220 4.68 -33.30 18.23
N VAL A 221 3.95 -33.18 17.14
CA VAL A 221 4.43 -33.67 15.85
C VAL A 221 5.49 -32.75 15.27
N VAL A 222 5.18 -31.46 15.17
CA VAL A 222 6.09 -30.54 14.49
C VAL A 222 7.42 -30.42 15.23
N CYS A 223 7.41 -30.42 16.57
CA CYS A 223 8.67 -30.39 17.32
C CYS A 223 9.50 -31.63 17.02
N GLU A 224 8.87 -32.79 16.93
CA GLU A 224 9.58 -34.01 16.56
C GLU A 224 9.86 -34.06 15.06
N ALA A 225 8.99 -33.46 14.24
CA ALA A 225 9.21 -33.43 12.80
C ALA A 225 10.35 -32.50 12.40
N THR A 226 10.62 -31.46 13.20
CA THR A 226 11.72 -30.55 12.91
C THR A 226 13.07 -31.27 12.94
N GLN A 227 13.22 -32.30 13.76
CA GLN A 227 14.49 -33.02 13.90
C GLN A 227 14.68 -34.05 12.79
N CYS A 228 13.85 -34.04 11.76
CA CYS A 228 13.98 -34.99 10.66
C CYS A 228 15.30 -34.76 9.92
N PRO A 229 16.02 -35.83 9.56
CA PRO A 229 17.30 -35.65 8.85
C PRO A 229 17.16 -34.95 7.51
N ASP A 230 16.02 -35.09 6.83
CA ASP A 230 15.82 -34.50 5.52
C ASP A 230 15.75 -32.98 5.65
N THR A 231 16.55 -32.28 4.85
CA THR A 231 16.60 -30.83 4.93
C THR A 231 15.27 -30.19 4.53
N ARG A 232 14.57 -30.77 3.55
CA ARG A 232 13.29 -30.22 3.14
C ARG A 232 12.27 -30.28 4.28
N VAL A 233 12.26 -31.38 5.04
CA VAL A 233 11.37 -31.47 6.18
C VAL A 233 11.77 -30.46 7.25
N ARG A 234 13.07 -30.20 7.41
CA ARG A 234 13.53 -29.22 8.39
C ARG A 234 12.93 -27.84 8.12
N VAL A 235 13.08 -27.34 6.90
CA VAL A 235 12.57 -26.01 6.58
C VAL A 235 11.04 -26.01 6.53
N ALA A 236 10.43 -27.06 5.97
CA ALA A 236 8.98 -27.09 5.85
C ALA A 236 8.31 -27.10 7.22
N ALA A 237 8.83 -27.91 8.16
CA ALA A 237 8.30 -27.89 9.52
C ALA A 237 8.53 -26.53 10.17
N LEU A 238 9.70 -25.95 10.00
CA LEU A 238 9.95 -24.59 10.49
C LEU A 238 9.05 -23.59 9.81
N GLN A 239 8.89 -23.70 8.49
CA GLN A 239 8.00 -22.79 7.77
C GLN A 239 6.57 -22.89 8.26
N ASN A 240 6.09 -24.13 8.49
CA ASN A 240 4.81 -24.30 9.15
C ASN A 240 4.83 -23.71 10.55
N LEU A 241 5.93 -23.92 11.28
CA LEU A 241 6.07 -23.36 12.61
C LEU A 241 6.07 -21.83 12.59
N VAL A 242 6.61 -21.23 11.53
CA VAL A 242 6.58 -19.77 11.41
C VAL A 242 5.15 -19.28 11.34
N LYS A 243 4.32 -19.93 10.52
CA LYS A 243 2.92 -19.52 10.40
C LYS A 243 2.12 -19.82 11.65
N ILE A 244 2.48 -20.88 12.38
CA ILE A 244 1.83 -21.15 13.67
C ILE A 244 2.08 -20.01 14.64
N MET A 245 3.32 -19.51 14.69
CA MET A 245 3.64 -18.38 15.54
C MET A 245 2.86 -17.13 15.13
N SER A 246 2.72 -16.90 13.83
CA SER A 246 2.08 -15.69 13.34
C SER A 246 0.63 -15.56 13.78
N LEU A 247 -0.05 -16.70 13.98
CA LEU A 247 -1.47 -16.68 14.29
C LEU A 247 -1.76 -16.86 15.78
N TYR A 248 -1.16 -17.86 16.41
CA TYR A 248 -1.56 -18.28 17.75
C TYR A 248 -0.56 -17.85 18.82
N TYR A 249 0.01 -16.65 18.68
CA TYR A 249 0.98 -16.16 19.64
C TYR A 249 0.42 -16.06 21.05
N GLN A 250 -0.89 -15.93 21.20
CA GLN A 250 -1.51 -15.79 22.52
C GLN A 250 -1.40 -17.06 23.37
N TYR A 251 -1.02 -18.19 22.79
CA TYR A 251 -0.99 -19.46 23.52
C TYR A 251 0.28 -20.27 23.32
N MET A 252 1.31 -19.72 22.70
CA MET A 252 2.58 -20.42 22.51
C MET A 252 3.53 -20.27 23.70
N GLU A 253 3.07 -19.68 24.81
CA GLU A 253 3.96 -19.38 25.93
C GLU A 253 4.49 -20.64 26.60
N THR A 254 3.64 -21.65 26.81
CA THR A 254 4.00 -22.79 27.65
C THR A 254 5.10 -23.66 27.05
N TYR A 255 5.44 -23.48 25.78
CA TYR A 255 6.37 -24.38 25.11
C TYR A 255 7.55 -23.66 24.45
N MET A 256 7.59 -22.33 24.49
CA MET A 256 8.67 -21.61 23.82
C MET A 256 10.04 -22.00 24.36
N GLY A 257 10.17 -22.06 25.68
CA GLY A 257 11.42 -22.43 26.31
C GLY A 257 11.81 -23.88 26.08
N PRO A 258 11.03 -24.81 26.65
CA PRO A 258 11.39 -26.23 26.55
C PRO A 258 11.42 -26.77 25.13
N ALA A 259 10.66 -26.20 24.20
CA ALA A 259 10.51 -26.83 22.88
C ALA A 259 10.84 -25.93 21.70
N LEU A 260 10.48 -24.65 21.73
CA LEU A 260 10.55 -23.80 20.55
C LEU A 260 11.89 -23.08 20.41
N PHE A 261 12.28 -22.32 21.44
CA PHE A 261 13.46 -21.46 21.30
C PHE A 261 14.75 -22.25 21.13
N ALA A 262 14.77 -23.50 21.57
CA ALA A 262 15.97 -24.31 21.39
C ALA A 262 16.20 -24.63 19.92
N ILE A 263 15.12 -24.92 19.18
CA ILE A 263 15.24 -25.26 17.76
C ILE A 263 15.66 -24.04 16.95
N THR A 264 15.04 -22.89 17.22
CA THR A 264 15.26 -21.71 16.39
C THR A 264 16.71 -21.26 16.40
N ILE A 265 17.34 -21.24 17.57
CA ILE A 265 18.75 -20.88 17.65
C ILE A 265 19.60 -21.90 16.91
N GLU A 266 19.32 -23.20 17.11
CA GLU A 266 20.05 -24.23 16.38
C GLU A 266 19.83 -24.14 14.88
N ALA A 267 18.58 -23.88 14.45
CA ALA A 267 18.30 -23.78 13.03
C ALA A 267 18.96 -22.56 12.41
N MET A 268 19.24 -21.54 13.23
CA MET A 268 19.87 -20.33 12.73
C MET A 268 21.38 -20.48 12.58
N LYS A 269 21.96 -21.52 13.19
CA LYS A 269 23.39 -21.77 13.07
C LYS A 269 23.75 -22.56 11.81
N SER A 270 22.75 -22.99 11.04
CA SER A 270 23.01 -23.83 9.88
C SER A 270 23.81 -23.08 8.83
N ASP A 271 24.77 -23.78 8.22
CA ASP A 271 25.53 -23.25 7.10
C ASP A 271 24.75 -23.27 5.80
N ILE A 272 23.58 -23.89 5.79
CA ILE A 272 22.74 -23.92 4.60
C ILE A 272 21.88 -22.66 4.58
N ASP A 273 21.40 -22.29 3.40
CA ASP A 273 20.71 -21.01 3.24
C ASP A 273 19.32 -21.04 3.85
N GLU A 274 18.47 -21.96 3.39
CA GLU A 274 17.06 -21.95 3.78
C GLU A 274 16.90 -22.23 5.28
N VAL A 275 17.67 -23.16 5.83
CA VAL A 275 17.50 -23.54 7.23
C VAL A 275 17.76 -22.34 8.15
N ALA A 276 18.84 -21.60 7.87
CA ALA A 276 19.11 -20.39 8.65
C ALA A 276 18.13 -19.27 8.33
N LEU A 277 17.69 -19.19 7.07
CA LEU A 277 16.76 -18.14 6.68
C LEU A 277 15.42 -18.29 7.40
N GLN A 278 14.86 -19.50 7.40
CA GLN A 278 13.56 -19.72 8.05
C GLN A 278 13.65 -19.49 9.55
N GLY A 279 14.75 -19.91 10.18
CA GLY A 279 14.94 -19.60 11.60
C GLY A 279 15.01 -18.10 11.83
N ILE A 280 15.74 -17.39 10.98
CA ILE A 280 15.77 -15.93 11.06
C ILE A 280 14.38 -15.35 10.81
N GLU A 281 13.65 -15.92 9.84
CA GLU A 281 12.29 -15.47 9.57
C GLU A 281 11.37 -15.72 10.77
N PHE A 282 11.57 -16.83 11.47
CA PHE A 282 10.72 -17.17 12.61
C PHE A 282 10.80 -16.10 13.70
N TRP A 283 12.02 -15.78 14.13
CA TRP A 283 12.16 -14.82 15.22
C TRP A 283 11.85 -13.39 14.78
N SER A 284 11.92 -13.12 13.48
CA SER A 284 11.51 -11.81 12.99
C SER A 284 10.00 -11.61 13.18
N ASN A 285 9.22 -12.67 12.94
CA ASN A 285 7.78 -12.60 13.17
C ASN A 285 7.45 -12.43 14.64
N VAL A 286 8.25 -13.01 15.53
CA VAL A 286 8.01 -12.84 16.97
C VAL A 286 8.12 -11.37 17.35
N CYS A 287 9.18 -10.70 16.88
CA CYS A 287 9.31 -9.27 17.11
C CYS A 287 8.23 -8.48 16.38
N ASP A 288 7.87 -8.91 15.17
CA ASP A 288 6.84 -8.20 14.41
C ASP A 288 5.50 -8.23 15.12
N GLU A 289 5.05 -9.43 15.52
CA GLU A 289 3.79 -9.52 16.23
C GLU A 289 3.89 -8.90 17.62
N GLU A 290 5.09 -8.87 18.19
CA GLU A 290 5.29 -8.16 19.45
C GLU A 290 5.01 -6.67 19.28
N MET A 291 5.48 -6.09 18.18
CA MET A 291 5.23 -4.68 17.90
C MET A 291 3.74 -4.40 17.74
N ASP A 292 3.04 -5.23 16.96
CA ASP A 292 1.60 -5.03 16.79
C ASP A 292 0.87 -5.20 18.11
N LEU A 293 1.28 -6.19 18.92
CA LEU A 293 0.72 -6.31 20.25
C LEU A 293 1.12 -5.13 21.13
N ALA A 294 2.34 -4.63 20.98
CA ALA A 294 2.73 -3.42 21.68
C ALA A 294 1.88 -2.23 21.25
N ILE A 295 1.51 -2.18 19.97
CA ILE A 295 0.56 -1.18 19.50
C ILE A 295 -0.78 -1.35 20.19
N GLU A 296 -1.27 -2.60 20.28
CA GLU A 296 -2.49 -2.86 21.02
C GLU A 296 -2.32 -2.52 22.50
N ALA A 297 -1.16 -2.86 23.07
CA ALA A 297 -0.89 -2.48 24.45
C ALA A 297 -0.89 -0.97 24.63
N SER A 298 -0.27 -0.25 23.69
CA SER A 298 -0.29 1.20 23.74
C SER A 298 -1.72 1.73 23.55
N GLU A 299 -2.48 1.12 22.65
CA GLU A 299 -3.86 1.53 22.44
C GLU A 299 -4.70 1.33 23.70
N ALA A 300 -4.51 0.20 24.38
CA ALA A 300 -5.29 -0.08 25.59
C ALA A 300 -4.80 0.74 26.78
N ALA A 301 -3.51 1.05 26.83
CA ALA A 301 -2.97 1.80 27.97
C ALA A 301 -3.56 3.21 28.03
N GLU A 302 -3.61 3.90 26.89
CA GLU A 302 -4.15 5.26 26.89
C GLU A 302 -5.64 5.28 27.15
N GLN A 303 -6.39 4.32 26.61
CA GLN A 303 -7.82 4.24 26.87
C GLN A 303 -8.14 3.83 28.30
N GLY A 304 -7.19 3.16 28.98
CA GLY A 304 -7.41 2.69 30.33
C GLY A 304 -8.00 1.30 30.44
N ARG A 305 -8.47 0.73 29.34
CA ARG A 305 -9.01 -0.63 29.37
C ARG A 305 -7.88 -1.64 29.48
N PRO A 306 -8.14 -2.81 30.07
CA PRO A 306 -7.14 -3.87 30.07
C PRO A 306 -6.84 -4.32 28.66
N PRO A 307 -5.59 -4.69 28.37
CA PRO A 307 -5.26 -5.16 27.03
C PRO A 307 -5.94 -6.48 26.71
N GLU A 308 -6.68 -6.50 25.60
CA GLU A 308 -7.37 -7.72 25.19
C GLU A 308 -6.38 -8.84 24.89
N HIS A 309 -5.18 -8.48 24.43
CA HIS A 309 -4.10 -9.44 24.23
C HIS A 309 -2.85 -8.90 24.88
N THR A 310 -2.02 -9.80 25.40
CA THR A 310 -0.84 -9.44 26.17
C THR A 310 0.36 -10.24 25.69
N SER A 311 1.51 -9.59 25.58
CA SER A 311 2.74 -10.23 25.14
C SER A 311 3.50 -10.78 26.33
N LYS A 312 4.70 -11.31 26.05
CA LYS A 312 5.53 -11.89 27.10
C LYS A 312 7.01 -11.52 26.96
N PHE A 313 7.34 -10.56 26.09
CA PHE A 313 8.69 -10.00 25.98
C PHE A 313 9.72 -11.08 25.60
N TYR A 314 9.42 -11.80 24.52
CA TYR A 314 10.35 -12.81 24.03
C TYR A 314 11.63 -12.19 23.47
N ALA A 315 11.50 -11.09 22.72
CA ALA A 315 12.65 -10.48 22.08
C ALA A 315 13.68 -10.00 23.10
N LYS A 316 13.22 -9.41 24.20
CA LYS A 316 14.14 -8.90 25.21
C LYS A 316 14.95 -10.03 25.86
N GLY A 317 14.35 -11.19 26.06
CA GLY A 317 15.02 -12.29 26.72
C GLY A 317 15.75 -13.26 25.81
N ALA A 318 15.96 -12.90 24.54
CA ALA A 318 16.64 -13.75 23.59
C ALA A 318 17.74 -13.06 22.81
N LEU A 319 17.81 -11.73 22.85
CA LEU A 319 18.83 -11.00 22.11
C LEU A 319 20.23 -11.30 22.61
N GLN A 320 20.38 -11.81 23.83
CA GLN A 320 21.70 -12.20 24.32
C GLN A 320 22.31 -13.32 23.47
N TYR A 321 21.49 -14.31 23.10
CA TYR A 321 21.93 -15.40 22.23
C TYR A 321 21.61 -15.15 20.76
N LEU A 322 21.01 -14.01 20.42
CA LEU A 322 20.63 -13.71 19.05
C LEU A 322 21.62 -12.80 18.34
N VAL A 323 22.09 -11.76 19.02
CA VAL A 323 23.00 -10.78 18.42
C VAL A 323 24.31 -11.42 17.97
N PRO A 324 25.03 -12.17 18.81
CA PRO A 324 26.34 -12.67 18.36
C PRO A 324 26.27 -13.56 17.14
N ILE A 325 25.27 -14.44 17.04
CA ILE A 325 25.15 -15.27 15.84
C ILE A 325 24.67 -14.44 14.65
N LEU A 326 23.73 -13.52 14.88
CA LEU A 326 23.21 -12.71 13.78
C LEU A 326 24.30 -11.81 13.20
N THR A 327 25.10 -11.21 14.08
CA THR A 327 26.23 -10.40 13.62
C THR A 327 27.26 -11.25 12.89
N GLN A 328 27.51 -12.48 13.36
CA GLN A 328 28.48 -13.34 12.70
C GLN A 328 28.02 -13.73 11.30
N THR A 329 26.73 -14.03 11.14
CA THR A 329 26.21 -14.36 9.81
C THR A 329 25.91 -13.13 8.98
N LEU A 330 26.01 -11.93 9.57
CA LEU A 330 25.89 -10.71 8.80
C LEU A 330 27.08 -10.47 7.89
N THR A 331 28.20 -11.17 8.13
CA THR A 331 29.41 -11.02 7.34
C THR A 331 29.55 -12.11 6.28
N LYS A 332 28.44 -12.71 5.85
CA LYS A 332 28.46 -13.76 4.84
C LYS A 332 28.22 -13.23 3.42
N GLN A 333 28.66 -12.01 3.15
CA GLN A 333 28.45 -11.40 1.84
C GLN A 333 29.41 -12.01 0.81
N ASP A 334 29.21 -11.63 -0.45
CA ASP A 334 29.97 -12.18 -1.56
C ASP A 334 30.51 -11.05 -2.43
N GLU A 335 31.57 -11.37 -3.18
CA GLU A 335 32.18 -10.39 -4.08
C GLU A 335 31.20 -9.95 -5.17
N ASN A 336 30.47 -10.90 -5.75
CA ASN A 336 29.48 -10.58 -6.79
C ASN A 336 28.14 -10.24 -6.13
N ASP A 337 28.13 -9.09 -5.47
CA ASP A 337 26.94 -8.65 -4.76
C ASP A 337 25.83 -8.28 -5.75
N ASP A 338 24.64 -8.81 -5.54
CA ASP A 338 23.49 -8.51 -6.37
C ASP A 338 22.27 -8.32 -5.50
N ASP A 339 21.38 -7.41 -5.93
CA ASP A 339 20.17 -7.10 -5.19
C ASP A 339 18.95 -7.86 -5.69
N ASP A 340 19.11 -8.72 -6.69
CA ASP A 340 17.96 -9.41 -7.27
C ASP A 340 17.46 -10.54 -6.39
N ASP A 341 18.34 -11.25 -5.69
CA ASP A 341 18.00 -12.43 -4.93
C ASP A 341 18.04 -12.14 -3.44
N TRP A 342 17.03 -12.60 -2.72
CA TRP A 342 17.02 -12.50 -1.26
C TRP A 342 17.96 -13.53 -0.67
N ASN A 343 18.89 -13.09 0.15
CA ASN A 343 19.97 -13.91 0.69
C ASN A 343 20.05 -13.70 2.19
N PRO A 344 20.63 -14.67 2.93
CA PRO A 344 20.76 -14.50 4.38
C PRO A 344 21.59 -13.32 4.80
N CYS A 345 22.48 -12.81 3.94
CA CYS A 345 23.25 -11.63 4.27
C CYS A 345 22.34 -10.42 4.46
N LYS A 346 21.48 -10.14 3.47
CA LYS A 346 20.52 -9.06 3.61
C LYS A 346 19.39 -9.43 4.57
N ALA A 347 19.03 -10.71 4.64
CA ALA A 347 18.03 -11.14 5.61
C ALA A 347 18.50 -10.90 7.03
N ALA A 348 19.81 -10.99 7.26
CA ALA A 348 20.35 -10.72 8.59
C ALA A 348 20.11 -9.28 9.00
N GLY A 349 20.32 -8.33 8.09
CA GLY A 349 20.17 -6.92 8.43
C GLY A 349 18.75 -6.57 8.83
N VAL A 350 17.77 -7.01 8.02
CA VAL A 350 16.39 -6.63 8.29
C VAL A 350 15.90 -7.21 9.61
N CYS A 351 16.23 -8.47 9.90
CA CYS A 351 15.86 -9.05 11.18
C CYS A 351 16.55 -8.32 12.33
N LEU A 352 17.83 -8.00 12.17
CA LEU A 352 18.53 -7.20 13.16
C LEU A 352 17.91 -5.82 13.30
N MET A 353 17.55 -5.20 12.17
CA MET A 353 16.87 -3.91 12.22
C MET A 353 15.51 -4.02 12.89
N LEU A 354 14.77 -5.08 12.59
CA LEU A 354 13.49 -5.31 13.26
C LEU A 354 13.67 -5.52 14.76
N LEU A 355 14.71 -6.28 15.13
CA LEU A 355 14.98 -6.52 16.55
C LEU A 355 15.28 -5.22 17.28
N ALA A 356 16.06 -4.33 16.66
CA ALA A 356 16.39 -3.06 17.32
C ALA A 356 15.14 -2.24 17.57
N THR A 357 14.23 -2.18 16.60
CA THR A 357 12.97 -1.45 16.79
C THR A 357 12.13 -2.09 17.88
N CYS A 358 12.08 -3.42 17.92
CA CYS A 358 11.22 -4.10 18.88
C CYS A 358 11.71 -3.92 20.31
N CYS A 359 13.01 -4.12 20.54
CA CYS A 359 13.57 -4.02 21.88
C CYS A 359 13.99 -2.60 22.23
N GLU A 360 13.82 -1.65 21.31
CA GLU A 360 14.09 -0.23 21.55
C GLU A 360 15.54 0.03 21.94
N ASP A 361 15.79 0.17 23.25
CA ASP A 361 17.09 0.62 23.75
C ASP A 361 17.92 -0.50 24.36
N ASP A 362 17.49 -1.75 24.23
CA ASP A 362 18.21 -2.88 24.82
C ASP A 362 19.03 -3.65 23.79
N ILE A 363 19.54 -2.96 22.77
CA ILE A 363 20.37 -3.60 21.75
C ILE A 363 21.69 -2.85 21.64
N VAL A 364 21.78 -1.68 22.29
CA VAL A 364 22.99 -0.87 22.19
C VAL A 364 24.22 -1.58 22.74
N PRO A 365 24.22 -2.11 23.98
CA PRO A 365 25.44 -2.74 24.50
C PRO A 365 25.79 -4.07 23.81
N HIS A 366 24.85 -4.71 23.13
CA HIS A 366 25.14 -6.02 22.55
C HIS A 366 25.81 -5.93 21.18
N VAL A 367 25.81 -4.75 20.57
CA VAL A 367 26.33 -4.57 19.21
C VAL A 367 27.55 -3.65 19.18
N LEU A 368 27.68 -2.72 20.12
CA LEU A 368 28.82 -1.80 20.10
C LEU A 368 30.18 -2.49 20.17
N PRO A 369 30.41 -3.54 20.98
CA PRO A 369 31.75 -4.15 20.97
C PRO A 369 32.13 -4.75 19.63
N PHE A 370 31.15 -5.27 18.87
CA PHE A 370 31.46 -5.89 17.59
C PHE A 370 31.86 -4.85 16.55
N ILE A 371 31.10 -3.76 16.46
CA ILE A 371 31.37 -2.75 15.43
C ILE A 371 32.66 -2.00 15.75
N LYS A 372 32.91 -1.71 17.03
CA LYS A 372 34.11 -0.96 17.40
C LYS A 372 35.37 -1.78 17.19
N GLU A 373 35.26 -3.10 17.13
CA GLU A 373 36.43 -3.97 17.02
C GLU A 373 36.74 -4.35 15.59
N HIS A 374 35.73 -4.49 14.72
CA HIS A 374 35.93 -4.90 13.34
C HIS A 374 35.83 -3.73 12.36
N ILE A 375 35.88 -2.49 12.87
CA ILE A 375 35.85 -1.33 11.98
C ILE A 375 37.21 -1.02 11.38
N LYS A 376 38.27 -1.69 11.86
CA LYS A 376 39.62 -1.48 11.36
C LYS A 376 40.19 -2.76 10.75
N ASN A 377 39.32 -3.70 10.42
CA ASN A 377 39.78 -4.98 9.87
C ASN A 377 40.42 -4.78 8.50
N PRO A 378 41.56 -5.41 8.25
CA PRO A 378 42.18 -5.27 6.91
C PRO A 378 41.28 -5.76 5.78
N ASP A 379 40.47 -6.79 6.03
CA ASP A 379 39.56 -7.30 5.02
C ASP A 379 38.23 -6.57 5.10
N TRP A 380 37.66 -6.28 3.92
CA TRP A 380 36.43 -5.52 3.84
C TRP A 380 35.22 -6.24 4.41
N ARG A 381 35.30 -7.57 4.57
CA ARG A 381 34.16 -8.33 5.08
C ARG A 381 33.74 -7.84 6.46
N TYR A 382 34.69 -7.74 7.40
CA TYR A 382 34.35 -7.35 8.75
C TYR A 382 34.11 -5.85 8.87
N ARG A 383 34.75 -5.04 8.03
CA ARG A 383 34.49 -3.60 8.03
C ARG A 383 33.11 -3.30 7.44
N ASP A 384 32.65 -4.13 6.50
CA ASP A 384 31.33 -3.95 5.92
C ASP A 384 30.24 -4.03 6.98
N ALA A 385 30.29 -5.07 7.82
CA ALA A 385 29.25 -5.24 8.84
C ALA A 385 29.48 -4.32 10.02
N ALA A 386 30.71 -3.82 10.18
CA ALA A 386 30.98 -2.90 11.28
C ALA A 386 30.27 -1.56 11.07
N VAL A 387 30.07 -1.19 9.80
CA VAL A 387 29.38 0.06 9.50
C VAL A 387 27.91 -0.21 9.16
N MET A 388 27.63 -1.35 8.53
CA MET A 388 26.25 -1.68 8.18
C MET A 388 25.40 -1.88 9.44
N ALA A 389 25.93 -2.58 10.43
CA ALA A 389 25.17 -2.79 11.66
C ALA A 389 25.02 -1.51 12.45
N PHE A 390 25.95 -0.57 12.26
CA PHE A 390 25.85 0.73 12.93
C PHE A 390 24.62 1.49 12.46
N GLY A 391 24.33 1.46 11.15
CA GLY A 391 23.15 2.14 10.64
C GLY A 391 21.88 1.38 10.93
N CYS A 392 21.95 0.05 10.97
CA CYS A 392 20.77 -0.76 11.21
C CYS A 392 20.24 -0.65 12.64
N ILE A 393 21.03 -0.12 13.56
CA ILE A 393 20.60 0.04 14.95
C ILE A 393 20.33 1.51 15.29
N LEU A 394 20.41 2.41 14.30
CA LEU A 394 20.17 3.82 14.55
C LEU A 394 18.74 4.13 14.95
N GLU A 395 17.78 3.28 14.59
CA GLU A 395 16.38 3.53 14.87
C GLU A 395 15.91 2.69 16.06
N GLY A 396 15.22 3.35 16.98
CA GLY A 396 14.69 2.71 18.17
C GLY A 396 15.23 3.27 19.47
N PRO A 397 16.55 3.43 19.58
CA PRO A 397 17.11 4.18 20.72
C PRO A 397 16.85 5.68 20.57
N GLU A 398 16.78 6.34 21.71
CA GLU A 398 16.57 7.78 21.71
C GLU A 398 17.83 8.49 21.23
N PRO A 399 17.69 9.58 20.46
CA PRO A 399 18.88 10.21 19.84
C PRO A 399 19.92 10.72 20.83
N SER A 400 19.50 11.22 22.00
CA SER A 400 20.46 11.90 22.88
C SER A 400 21.54 10.97 23.37
N GLN A 401 21.19 9.76 23.79
CA GLN A 401 22.20 8.82 24.27
C GLN A 401 23.00 8.18 23.14
N LEU A 402 22.49 8.23 21.91
CA LEU A 402 23.21 7.75 20.74
C LEU A 402 24.10 8.82 20.12
N LYS A 403 24.02 10.05 20.60
CA LYS A 403 24.89 11.12 20.10
C LYS A 403 26.37 10.84 20.31
N PRO A 404 26.84 10.42 21.49
CA PRO A 404 28.30 10.23 21.65
C PRO A 404 28.88 9.21 20.69
N LEU A 405 28.14 8.17 20.31
CA LEU A 405 28.68 7.17 19.39
C LEU A 405 28.75 7.71 17.97
N VAL A 406 27.71 8.40 17.51
CA VAL A 406 27.67 8.87 16.13
C VAL A 406 28.67 9.99 15.90
N ILE A 407 28.89 10.88 16.88
CA ILE A 407 29.78 12.01 16.68
C ILE A 407 31.23 11.59 16.49
N GLN A 408 31.71 10.61 17.25
CA GLN A 408 33.09 10.15 17.13
C GLN A 408 33.31 9.26 15.91
N ALA A 409 32.28 8.53 15.46
CA ALA A 409 32.37 7.69 14.28
C ALA A 409 32.24 8.46 12.98
N MET A 410 31.73 9.70 13.02
CA MET A 410 31.61 10.48 11.81
C MET A 410 32.94 10.75 11.11
N PRO A 411 34.02 11.12 11.80
CA PRO A 411 35.30 11.26 11.08
C PRO A 411 35.77 9.97 10.42
N THR A 412 35.42 8.82 10.98
CA THR A 412 35.74 7.55 10.33
C THR A 412 34.87 7.32 9.11
N LEU A 413 33.61 7.75 9.15
CA LEU A 413 32.69 7.49 8.04
C LEU A 413 33.16 8.15 6.76
N ILE A 414 33.59 9.41 6.83
CA ILE A 414 34.09 10.09 5.64
C ILE A 414 35.34 9.44 5.08
N GLU A 415 36.27 9.02 5.94
CA GLU A 415 37.42 8.25 5.46
C GLU A 415 36.98 6.91 4.87
N LEU A 416 36.00 6.25 5.49
CA LEU A 416 35.42 5.03 4.95
C LEU A 416 34.70 5.27 3.63
N MET A 417 34.36 6.51 3.31
CA MET A 417 33.79 6.82 2.00
C MET A 417 34.86 6.89 0.91
N LYS A 418 36.11 6.63 1.26
CA LYS A 418 37.21 6.76 0.31
C LYS A 418 37.99 5.47 0.09
N ASP A 419 37.79 4.45 0.92
CA ASP A 419 38.54 3.20 0.75
C ASP A 419 38.16 2.53 -0.58
N PRO A 420 39.09 1.81 -1.20
CA PRO A 420 38.84 1.25 -2.54
C PRO A 420 37.78 0.16 -2.57
N SER A 421 37.30 -0.32 -1.44
CA SER A 421 36.27 -1.35 -1.44
C SER A 421 34.93 -0.77 -1.87
N VAL A 422 34.37 -1.32 -2.95
CA VAL A 422 33.13 -0.78 -3.50
C VAL A 422 31.97 -0.98 -2.54
N VAL A 423 31.87 -2.16 -1.93
CA VAL A 423 30.72 -2.46 -1.08
C VAL A 423 30.71 -1.56 0.16
N VAL A 424 31.88 -1.31 0.75
CA VAL A 424 31.95 -0.47 1.94
C VAL A 424 31.49 0.95 1.63
N ARG A 425 31.95 1.50 0.49
CA ARG A 425 31.49 2.83 0.09
C ARG A 425 30.00 2.86 -0.16
N ASP A 426 29.46 1.83 -0.81
CA ASP A 426 28.01 1.71 -0.95
C ASP A 426 27.34 1.61 0.41
N THR A 427 27.88 0.78 1.30
CA THR A 427 27.30 0.63 2.64
C THR A 427 27.39 1.93 3.43
N ALA A 428 28.53 2.63 3.34
CA ALA A 428 28.70 3.87 4.09
C ALA A 428 27.71 4.93 3.62
N ALA A 429 27.36 4.93 2.34
CA ALA A 429 26.41 5.91 1.83
C ALA A 429 25.06 5.80 2.51
N TRP A 430 24.57 4.57 2.72
CA TRP A 430 23.33 4.39 3.43
C TRP A 430 23.43 4.86 4.88
N THR A 431 24.54 4.54 5.55
CA THR A 431 24.69 4.91 6.95
C THR A 431 24.69 6.42 7.14
N VAL A 432 25.45 7.14 6.30
CA VAL A 432 25.41 8.60 6.38
C VAL A 432 24.05 9.11 5.91
N GLY A 433 23.45 8.46 4.92
CA GLY A 433 22.09 8.83 4.51
C GLY A 433 21.07 8.57 5.60
N ARG A 434 21.17 7.42 6.28
CA ARG A 434 20.27 7.13 7.38
C ARG A 434 20.49 8.10 8.54
N ILE A 435 21.75 8.41 8.85
CA ILE A 435 22.05 9.28 9.99
C ILE A 435 21.56 10.71 9.77
N CYS A 436 21.43 11.15 8.51
CA CYS A 436 20.88 12.47 8.25
C CYS A 436 19.38 12.52 8.53
N GLU A 437 18.65 11.50 8.10
CA GLU A 437 17.20 11.47 8.29
C GLU A 437 16.84 11.37 9.76
N LEU A 438 17.56 10.54 10.51
CA LEU A 438 17.15 10.24 11.89
C LEU A 438 17.83 11.17 12.88
N LEU A 439 19.01 11.67 12.55
CA LEU A 439 19.74 12.57 13.45
C LEU A 439 20.04 13.87 12.72
N PRO A 440 19.12 14.85 12.73
CA PRO A 440 19.35 16.09 11.97
C PRO A 440 20.53 16.89 12.47
N GLU A 441 20.57 17.14 13.78
CA GLU A 441 21.61 18.02 14.34
C GLU A 441 23.00 17.45 14.17
N ALA A 442 23.17 16.14 14.37
CA ALA A 442 24.49 15.54 14.24
C ALA A 442 25.01 15.59 12.81
N ALA A 443 24.11 15.51 11.83
CA ALA A 443 24.53 15.53 10.43
C ALA A 443 25.05 16.89 9.99
N ILE A 444 24.74 17.96 10.71
CA ILE A 444 25.18 19.30 10.35
C ILE A 444 26.06 19.81 11.48
N ASN A 445 27.38 19.66 11.31
CA ASN A 445 28.35 20.22 12.26
C ASN A 445 29.51 20.76 11.44
N ASP A 446 29.81 22.05 11.63
CA ASP A 446 30.80 22.73 10.80
C ASP A 446 32.18 22.09 10.89
N VAL A 447 32.51 21.44 12.01
CA VAL A 447 33.78 20.75 12.11
C VAL A 447 33.86 19.61 11.12
N TYR A 448 32.71 19.05 10.74
CA TYR A 448 32.64 17.94 9.81
C TYR A 448 31.80 18.21 8.59
N LEU A 449 31.07 19.33 8.54
CA LEU A 449 30.19 19.61 7.41
C LEU A 449 30.97 19.75 6.11
N ALA A 450 31.93 20.67 6.09
CA ALA A 450 32.66 20.93 4.85
C ALA A 450 33.36 19.69 4.28
N PRO A 451 34.09 18.88 5.05
CA PRO A 451 34.61 17.64 4.46
C PRO A 451 33.52 16.67 4.04
N LEU A 452 32.46 16.51 4.85
CA LEU A 452 31.37 15.62 4.48
C LEU A 452 30.66 16.09 3.23
N LEU A 453 30.37 17.40 3.15
CA LEU A 453 29.66 17.93 1.99
C LEU A 453 30.47 17.76 0.71
N GLN A 454 31.77 17.97 0.79
CA GLN A 454 32.63 17.80 -0.38
C GLN A 454 32.68 16.34 -0.82
N CYS A 455 32.69 15.41 0.13
CA CYS A 455 32.68 13.99 -0.22
C CYS A 455 31.41 13.60 -0.93
N LEU A 456 30.26 14.13 -0.48
CA LEU A 456 28.99 13.84 -1.13
C LEU A 456 28.99 14.27 -2.59
N ILE A 457 29.50 15.47 -2.88
CA ILE A 457 29.51 15.95 -4.27
C ILE A 457 30.39 15.08 -5.15
N GLU A 458 31.59 14.73 -4.65
CA GLU A 458 32.46 13.86 -5.42
C GLU A 458 31.88 12.46 -5.53
N GLY A 459 31.14 12.01 -4.51
CA GLY A 459 30.58 10.68 -4.49
C GLY A 459 29.62 10.37 -5.61
N LEU A 460 28.74 11.31 -5.93
CA LEU A 460 27.71 11.07 -6.95
C LEU A 460 28.28 10.88 -8.35
N SER A 461 29.53 11.29 -8.59
CA SER A 461 30.16 11.08 -9.89
C SER A 461 30.66 9.65 -10.09
N ALA A 462 30.61 8.83 -9.05
CA ALA A 462 31.08 7.45 -9.10
C ALA A 462 30.05 6.52 -9.71
N GLU A 463 30.16 5.23 -9.41
CA GLU A 463 29.22 4.25 -9.94
C GLU A 463 27.80 4.57 -9.49
N PRO A 464 26.79 4.23 -10.30
CA PRO A 464 25.40 4.58 -9.96
C PRO A 464 24.93 3.97 -8.65
N ARG A 465 25.39 2.77 -8.28
CA ARG A 465 24.90 2.13 -7.07
C ARG A 465 25.19 2.95 -5.81
N VAL A 466 26.29 3.71 -5.80
CA VAL A 466 26.56 4.60 -4.68
C VAL A 466 26.01 6.00 -4.91
N ALA A 467 25.76 6.38 -6.18
CA ALA A 467 25.18 7.68 -6.46
C ALA A 467 23.72 7.73 -6.03
N SER A 468 22.99 6.63 -6.20
CA SER A 468 21.59 6.59 -5.79
C SER A 468 21.45 6.75 -4.28
N ASN A 469 22.31 6.07 -3.52
CA ASN A 469 22.19 6.10 -2.06
C ASN A 469 22.53 7.47 -1.49
N VAL A 470 23.38 8.23 -2.19
CA VAL A 470 23.78 9.53 -1.68
C VAL A 470 22.80 10.63 -2.07
N CYS A 471 22.01 10.42 -3.13
CA CYS A 471 21.05 11.44 -3.54
C CYS A 471 20.00 11.68 -2.45
N TRP A 472 19.47 10.60 -1.86
CA TRP A 472 18.51 10.76 -0.79
C TRP A 472 19.13 11.44 0.43
N ALA A 473 20.42 11.23 0.65
CA ALA A 473 21.12 11.96 1.71
C ALA A 473 21.10 13.46 1.44
N PHE A 474 21.32 13.86 0.18
CA PHE A 474 21.28 15.28 -0.17
C PHE A 474 19.90 15.87 0.10
N SER A 475 18.85 15.15 -0.31
CA SER A 475 17.48 15.64 -0.09
C SER A 475 17.17 15.74 1.39
N SER A 476 17.56 14.73 2.17
CA SER A 476 17.31 14.77 3.61
C SER A 476 18.15 15.85 4.28
N LEU A 477 19.38 16.06 3.81
CA LEU A 477 20.22 17.11 4.39
C LEU A 477 19.57 18.47 4.21
N ALA A 478 18.97 18.72 3.04
CA ALA A 478 18.24 19.97 2.84
C ALA A 478 17.06 20.07 3.79
N GLU A 479 16.31 18.98 3.96
CA GLU A 479 15.18 19.01 4.90
C GLU A 479 15.67 19.18 6.33
N ALA A 480 16.77 18.53 6.69
CA ALA A 480 17.36 18.75 8.01
C ALA A 480 17.82 20.19 8.15
N ALA A 481 18.40 20.77 7.10
CA ALA A 481 18.76 22.17 7.13
C ALA A 481 17.53 23.06 7.28
N TYR A 482 16.45 22.75 6.57
CA TYR A 482 15.24 23.56 6.67
C TYR A 482 14.66 23.51 8.08
N GLU A 483 14.64 22.32 8.69
CA GLU A 483 14.16 22.21 10.06
C GLU A 483 15.02 23.03 11.02
N ALA A 484 16.30 23.21 10.69
CA ALA A 484 17.19 24.09 11.45
C ALA A 484 17.20 25.52 10.93
N ALA A 485 16.69 25.76 9.73
CA ALA A 485 16.69 27.10 9.14
C ALA A 485 15.52 27.96 9.60
N ASP A 486 14.32 27.40 9.69
CA ASP A 486 13.17 28.18 10.13
C ASP A 486 13.31 28.66 11.57
N VAL A 487 13.96 27.87 12.43
CA VAL A 487 14.22 28.29 13.80
C VAL A 487 15.17 29.48 13.85
N ALA A 488 16.26 29.43 13.08
CA ALA A 488 17.27 30.49 13.13
C ALA A 488 16.96 31.61 12.15
N ASP A 489 16.80 31.28 10.87
CA ASP A 489 16.64 32.28 9.81
C ASP A 489 15.16 32.56 9.62
N ASP A 490 14.73 33.77 10.02
CA ASP A 490 13.36 34.23 9.83
C ASP A 490 12.36 33.31 10.53
N GLN A 491 11.08 33.48 10.21
CA GLN A 491 10.02 32.65 10.80
C GLN A 491 9.11 32.00 9.77
N GLU A 492 8.93 32.60 8.60
CA GLU A 492 8.03 32.07 7.59
C GLU A 492 8.74 31.57 6.34
N GLU A 493 9.96 32.05 6.06
CA GLU A 493 10.70 31.61 4.89
C GLU A 493 12.17 31.95 5.08
N PRO A 494 13.08 30.99 4.91
CA PRO A 494 14.50 31.27 5.13
C PRO A 494 15.05 32.24 4.09
N ALA A 495 16.05 33.03 4.52
CA ALA A 495 16.73 33.98 3.67
C ALA A 495 18.12 33.53 3.26
N THR A 496 18.91 33.00 4.20
CA THR A 496 20.25 32.50 3.91
C THR A 496 20.67 31.59 5.04
N TYR A 497 21.04 30.35 4.72
CA TYR A 497 21.43 29.37 5.71
C TYR A 497 22.76 28.72 5.31
N CYS A 498 23.11 27.65 6.02
CA CYS A 498 24.43 27.03 5.85
C CYS A 498 24.61 26.46 4.46
N LEU A 499 23.65 25.67 3.98
CA LEU A 499 23.80 25.02 2.67
C LEU A 499 23.75 26.02 1.52
N SER A 500 23.31 27.26 1.78
CA SER A 500 23.22 28.26 0.73
C SER A 500 24.57 28.59 0.10
N SER A 501 25.67 28.45 0.86
CA SER A 501 26.98 28.74 0.31
C SER A 501 27.31 27.80 -0.85
N SER A 502 27.03 26.51 -0.68
CA SER A 502 27.25 25.51 -1.72
C SER A 502 25.96 25.12 -2.45
N PHE A 503 24.86 25.85 -2.21
CA PHE A 503 23.59 25.51 -2.84
C PHE A 503 23.67 25.59 -4.35
N GLU A 504 24.20 26.70 -4.89
CA GLU A 504 24.26 26.85 -6.34
C GLU A 504 25.22 25.87 -6.99
N LEU A 505 26.22 25.38 -6.26
CA LEU A 505 27.13 24.39 -6.81
C LEU A 505 26.46 23.03 -6.92
N ILE A 506 25.76 22.61 -5.87
CA ILE A 506 25.17 21.27 -5.83
C ILE A 506 23.95 21.15 -6.73
N VAL A 507 23.15 22.21 -6.89
CA VAL A 507 21.91 22.09 -7.66
C VAL A 507 22.22 21.80 -9.12
N GLN A 508 23.21 22.49 -9.70
CA GLN A 508 23.57 22.23 -11.09
C GLN A 508 24.25 20.89 -11.26
N LYS A 509 24.93 20.40 -10.22
CA LYS A 509 25.46 19.04 -10.25
C LYS A 509 24.34 18.02 -10.33
N LEU A 510 23.24 18.26 -9.59
CA LEU A 510 22.08 17.40 -9.71
C LEU A 510 21.49 17.47 -11.11
N LEU A 511 21.55 18.63 -11.75
CA LEU A 511 21.17 18.72 -13.16
C LEU A 511 22.12 17.91 -14.02
N GLU A 512 23.41 17.91 -13.69
CA GLU A 512 24.39 17.16 -14.48
C GLU A 512 24.16 15.66 -14.37
N THR A 513 23.98 15.16 -13.14
CA THR A 513 23.82 13.72 -12.94
C THR A 513 22.54 13.17 -13.57
N THR A 514 21.51 14.00 -13.75
CA THR A 514 20.31 13.57 -14.47
C THR A 514 20.58 13.33 -15.95
N ASP A 515 21.66 13.90 -16.49
CA ASP A 515 22.02 13.73 -17.89
C ASP A 515 22.90 12.50 -18.13
N ARG A 516 23.30 11.81 -17.07
CA ARG A 516 24.17 10.65 -17.23
C ARG A 516 23.44 9.54 -17.97
N PRO A 517 24.12 8.85 -18.91
CA PRO A 517 23.44 7.79 -19.67
C PRO A 517 22.99 6.62 -18.82
N ASP A 518 23.57 6.41 -17.64
CA ASP A 518 23.20 5.31 -16.76
C ASP A 518 22.16 5.72 -15.73
N GLY A 519 21.29 6.68 -16.08
CA GLY A 519 20.24 7.09 -15.16
C GLY A 519 19.22 6.02 -14.85
N HIS A 520 19.09 5.02 -15.71
CA HIS A 520 18.14 3.94 -15.44
C HIS A 520 18.67 3.00 -14.36
N GLN A 521 19.99 2.83 -14.27
CA GLN A 521 20.57 1.92 -13.30
C GLN A 521 20.31 2.40 -11.88
N ASN A 522 19.77 1.51 -11.05
CA ASN A 522 19.43 1.82 -9.65
C ASN A 522 18.57 3.07 -9.55
N ASN A 523 17.61 3.20 -10.47
CA ASN A 523 16.70 4.34 -10.57
C ASN A 523 17.41 5.66 -10.29
N LEU A 524 18.53 5.86 -10.99
CA LEU A 524 19.33 7.06 -10.76
C LEU A 524 18.59 8.34 -11.12
N ARG A 525 17.93 8.35 -12.28
CA ARG A 525 17.23 9.56 -12.71
C ARG A 525 16.10 9.91 -11.75
N SER A 526 15.26 8.94 -11.40
CA SER A 526 14.17 9.22 -10.47
C SER A 526 14.70 9.61 -9.10
N SER A 527 15.86 9.06 -8.70
CA SER A 527 16.47 9.46 -7.44
C SER A 527 16.94 10.91 -7.49
N ALA A 528 17.64 11.29 -8.57
CA ALA A 528 18.13 12.65 -8.68
C ALA A 528 16.98 13.65 -8.84
N TYR A 529 15.99 13.32 -9.68
CA TYR A 529 14.87 14.23 -9.88
C TYR A 529 14.11 14.48 -8.58
N GLU A 530 13.83 13.42 -7.83
CA GLU A 530 13.20 13.62 -6.52
C GLU A 530 14.10 14.43 -5.60
N SER A 531 15.40 14.15 -5.60
CA SER A 531 16.34 15.00 -4.88
C SER A 531 16.32 16.42 -5.41
N LEU A 532 16.24 16.58 -6.73
CA LEU A 532 16.13 17.92 -7.31
C LEU A 532 14.82 18.61 -6.90
N MET A 533 13.73 17.85 -6.82
CA MET A 533 12.46 18.42 -6.38
C MET A 533 12.55 18.98 -4.97
N GLU A 534 13.18 18.23 -4.06
CA GLU A 534 13.25 18.66 -2.67
C GLU A 534 14.19 19.86 -2.49
N ILE A 535 15.35 19.83 -3.14
CA ILE A 535 16.31 20.92 -2.97
C ILE A 535 15.79 22.23 -3.55
N VAL A 536 15.05 22.19 -4.64
CA VAL A 536 14.41 23.40 -5.15
C VAL A 536 13.27 23.82 -4.24
N LYS A 537 12.49 22.85 -3.74
CA LYS A 537 11.38 23.17 -2.85
C LYS A 537 11.89 23.82 -1.57
N ASN A 538 13.05 23.41 -1.07
CA ASN A 538 13.63 24.00 0.13
C ASN A 538 14.82 24.85 -0.29
N SER A 539 14.58 26.14 -0.43
CA SER A 539 15.63 27.09 -0.78
C SER A 539 15.49 28.33 0.10
N ALA A 540 16.45 29.24 -0.04
CA ALA A 540 16.51 30.48 0.72
C ALA A 540 16.26 31.65 -0.21
N LYS A 541 15.95 32.81 0.39
CA LYS A 541 15.67 34.01 -0.40
C LYS A 541 16.85 34.45 -1.24
N ASP A 542 18.08 34.26 -0.76
CA ASP A 542 19.26 34.61 -1.54
C ASP A 542 19.50 33.65 -2.70
N CYS A 543 18.78 32.53 -2.73
CA CYS A 543 18.90 31.53 -3.79
C CYS A 543 17.94 31.79 -4.95
N TYR A 544 17.24 32.93 -4.93
CA TYR A 544 16.32 33.25 -6.02
C TYR A 544 17.00 33.25 -7.40
N PRO A 545 18.17 33.87 -7.60
CA PRO A 545 18.84 33.70 -8.89
C PRO A 545 19.18 32.25 -9.21
N ALA A 546 19.55 31.44 -8.21
CA ALA A 546 19.85 30.04 -8.45
C ALA A 546 18.61 29.29 -8.91
N VAL A 547 17.46 29.49 -8.25
CA VAL A 547 16.25 28.81 -8.66
C VAL A 547 15.70 29.42 -9.95
N GLN A 548 16.05 30.66 -10.24
CA GLN A 548 15.65 31.28 -11.51
C GLN A 548 16.34 30.62 -12.68
N LYS A 549 17.64 30.34 -12.55
CA LYS A 549 18.41 29.74 -13.64
C LYS A 549 17.89 28.35 -13.98
N THR A 550 17.71 27.49 -12.96
CA THR A 550 17.21 26.15 -13.21
C THR A 550 15.77 26.14 -13.70
N THR A 551 14.97 27.15 -13.31
CA THR A 551 13.63 27.28 -13.86
C THR A 551 13.67 27.46 -15.38
N LEU A 552 14.59 28.31 -15.86
CA LEU A 552 14.81 28.40 -17.30
C LEU A 552 15.36 27.11 -17.86
N VAL A 553 16.28 26.46 -17.14
CA VAL A 553 16.86 25.20 -17.62
C VAL A 553 15.81 24.12 -17.73
N ILE A 554 14.97 23.96 -16.70
CA ILE A 554 13.92 22.95 -16.76
C ILE A 554 12.91 23.28 -17.84
N MET A 555 12.69 24.57 -18.13
CA MET A 555 11.85 24.94 -19.27
C MET A 555 12.48 24.47 -20.58
N GLU A 556 13.80 24.61 -20.72
CA GLU A 556 14.48 24.05 -21.87
C GLU A 556 14.40 22.52 -21.88
N ARG A 557 14.40 21.90 -20.70
CA ARG A 557 14.17 20.46 -20.63
C ARG A 557 12.77 20.10 -21.13
N LEU A 558 11.78 20.94 -20.82
CA LEU A 558 10.45 20.76 -21.39
C LEU A 558 10.50 20.87 -22.92
N GLN A 559 11.29 21.81 -23.43
CA GLN A 559 11.44 21.94 -24.88
C GLN A 559 12.02 20.68 -25.50
N GLN A 560 12.96 20.04 -24.81
CA GLN A 560 13.47 18.75 -25.28
C GLN A 560 12.36 17.71 -25.33
N VAL A 561 11.47 17.71 -24.34
CA VAL A 561 10.35 16.78 -24.31
C VAL A 561 9.39 17.03 -25.48
N LEU A 562 9.27 18.29 -25.91
CA LEU A 562 8.32 18.61 -26.97
C LEU A 562 8.60 17.81 -28.24
N GLN A 563 9.85 17.77 -28.66
CA GLN A 563 10.24 17.24 -29.97
C GLN A 563 10.74 15.79 -29.89
N MET A 564 10.28 15.03 -28.89
CA MET A 564 10.69 13.64 -28.79
C MET A 564 9.49 12.69 -28.64
N GLU A 565 8.27 13.18 -28.88
CA GLU A 565 7.09 12.32 -28.85
C GLU A 565 7.03 11.34 -30.02
N SER A 566 7.83 11.55 -31.06
CA SER A 566 7.88 10.64 -32.20
C SER A 566 9.01 9.63 -32.11
N HIS A 567 9.69 9.55 -30.97
CA HIS A 567 10.83 8.65 -30.80
C HIS A 567 10.45 7.34 -30.13
N ILE A 568 9.14 7.06 -29.99
CA ILE A 568 8.69 5.83 -29.35
C ILE A 568 8.75 4.70 -30.37
N GLN A 569 9.57 3.68 -30.08
CA GLN A 569 9.67 2.51 -30.93
C GLN A 569 9.51 1.25 -30.10
N SER A 570 9.78 1.36 -28.79
CA SER A 570 9.65 0.26 -27.86
C SER A 570 8.76 0.68 -26.70
N THR A 571 8.06 -0.31 -26.12
CA THR A 571 7.16 -0.03 -25.01
C THR A 571 7.92 0.52 -23.80
N SER A 572 9.07 -0.06 -23.50
CA SER A 572 9.87 0.41 -22.36
C SER A 572 10.31 1.86 -22.55
N ASP A 573 10.54 2.28 -23.79
CA ASP A 573 10.86 3.68 -24.05
C ASP A 573 9.71 4.59 -23.64
N ARG A 574 8.49 4.20 -23.96
CA ARG A 574 7.32 4.97 -23.52
C ARG A 574 7.19 4.95 -22.01
N ILE A 575 7.49 3.81 -21.38
CA ILE A 575 7.41 3.71 -19.92
C ILE A 575 8.36 4.70 -19.27
N GLN A 576 9.60 4.76 -19.73
CA GLN A 576 10.53 5.78 -19.24
C GLN A 576 10.04 7.17 -19.60
N PHE A 577 9.50 7.34 -20.81
CA PHE A 577 8.88 8.61 -21.19
C PHE A 577 7.71 8.94 -20.26
N ASN A 578 6.90 7.94 -19.94
CA ASN A 578 5.83 8.15 -18.96
C ASN A 578 6.39 8.56 -17.60
N ASP A 579 7.46 7.91 -17.16
CA ASP A 579 8.10 8.30 -15.92
C ASP A 579 8.75 9.68 -16.04
N LEU A 580 9.41 9.94 -17.17
CA LEU A 580 10.09 11.23 -17.35
C LEU A 580 9.09 12.39 -17.36
N GLN A 581 7.97 12.22 -18.07
CA GLN A 581 6.98 13.28 -18.15
C GLN A 581 6.37 13.57 -16.77
N SER A 582 6.13 12.52 -15.98
CA SER A 582 5.57 12.73 -14.65
C SER A 582 6.54 13.48 -13.76
N LEU A 583 7.84 13.18 -13.84
CA LEU A 583 8.81 13.85 -12.99
C LEU A 583 8.91 15.33 -13.31
N LEU A 584 8.99 15.67 -14.61
CA LEU A 584 9.09 17.08 -14.99
C LEU A 584 7.83 17.85 -14.59
N CYS A 585 6.65 17.25 -14.82
CA CYS A 585 5.41 17.91 -14.40
C CYS A 585 5.37 18.07 -12.89
N ALA A 586 5.78 17.04 -12.16
CA ALA A 586 5.88 17.16 -10.70
C ALA A 586 6.90 18.23 -10.31
N THR A 587 8.04 18.26 -10.99
CA THR A 587 9.04 19.30 -10.73
C THR A 587 8.48 20.69 -11.05
N LEU A 588 7.62 20.79 -12.06
CA LEU A 588 6.97 22.07 -12.35
C LEU A 588 6.16 22.56 -11.15
N GLN A 589 5.49 21.64 -10.46
CA GLN A 589 4.70 22.01 -9.28
C GLN A 589 5.58 22.63 -8.21
N ASN A 590 6.78 22.08 -7.99
CA ASN A 590 7.67 22.61 -6.97
C ASN A 590 8.19 24.00 -7.35
N VAL A 591 8.64 24.16 -8.60
CA VAL A 591 9.22 25.45 -8.99
C VAL A 591 8.13 26.53 -9.08
N LEU A 592 6.96 26.21 -9.64
CA LEU A 592 5.90 27.19 -9.77
C LEU A 592 5.41 27.69 -8.42
N ARG A 593 5.54 26.89 -7.37
CA ARG A 593 5.19 27.32 -6.03
C ARG A 593 6.34 28.03 -5.32
N LYS A 594 7.53 28.08 -5.92
CA LYS A 594 8.71 28.69 -5.32
C LYS A 594 9.31 29.72 -6.27
N VAL A 595 8.46 30.53 -6.90
CA VAL A 595 8.88 31.60 -7.79
C VAL A 595 8.10 32.86 -7.46
N GLN A 596 8.41 33.94 -8.18
CA GLN A 596 7.81 35.24 -7.95
C GLN A 596 6.62 35.42 -8.89
N HIS A 597 5.63 36.20 -8.41
CA HIS A 597 4.43 36.43 -9.20
C HIS A 597 4.76 37.08 -10.54
N GLN A 598 5.66 38.07 -10.53
CA GLN A 598 6.09 38.68 -11.79
C GLN A 598 6.79 37.66 -12.69
N ASP A 599 7.65 36.83 -12.11
CA ASP A 599 8.36 35.83 -12.92
C ASP A 599 7.41 34.81 -13.52
N ALA A 600 6.23 34.63 -12.93
CA ALA A 600 5.26 33.68 -13.44
C ALA A 600 4.60 34.15 -14.73
N LEU A 601 4.58 35.46 -14.99
CA LEU A 601 3.92 35.97 -16.19
C LEU A 601 4.62 35.49 -17.46
N GLN A 602 5.95 35.61 -17.52
CA GLN A 602 6.67 35.22 -18.72
C GLN A 602 6.54 33.73 -18.99
N ILE A 603 6.65 32.90 -17.95
CA ILE A 603 6.57 31.45 -18.12
C ILE A 603 5.14 30.95 -18.28
N SER A 604 4.13 31.80 -18.09
CA SER A 604 2.75 31.34 -18.15
C SER A 604 2.38 30.84 -19.55
N ASP A 605 2.70 31.63 -20.58
CA ASP A 605 2.28 31.29 -21.93
C ASP A 605 2.97 30.02 -22.43
N VAL A 606 4.29 29.93 -22.22
CA VAL A 606 5.03 28.76 -22.72
C VAL A 606 4.61 27.49 -22.00
N VAL A 607 4.43 27.57 -20.67
CA VAL A 607 4.00 26.40 -19.92
C VAL A 607 2.58 26.00 -20.29
N MET A 608 1.69 26.97 -20.46
CA MET A 608 0.31 26.65 -20.83
C MET A 608 0.26 25.94 -22.17
N ALA A 609 1.01 26.44 -23.16
CA ALA A 609 1.09 25.75 -24.44
C ALA A 609 1.74 24.38 -24.28
N SER A 610 2.80 24.29 -23.48
CA SER A 610 3.46 23.00 -23.25
C SER A 610 2.53 22.03 -22.55
N LEU A 611 1.81 22.48 -21.52
CA LEU A 611 0.86 21.61 -20.84
C LEU A 611 -0.29 21.23 -21.77
N LEU A 612 -0.75 22.17 -22.60
CA LEU A 612 -1.82 21.86 -23.53
C LEU A 612 -1.40 20.79 -24.53
N ARG A 613 -0.23 20.94 -25.15
CA ARG A 613 0.24 19.96 -26.12
C ARG A 613 0.58 18.62 -25.46
N MET A 614 1.15 18.65 -24.25
CA MET A 614 1.47 17.41 -23.55
C MET A 614 0.23 16.67 -23.10
N PHE A 615 -0.86 17.38 -22.82
CA PHE A 615 -2.13 16.70 -22.54
C PHE A 615 -2.61 15.92 -23.75
N GLN A 616 -2.53 16.52 -24.93
CA GLN A 616 -2.94 15.87 -26.18
C GLN A 616 -1.85 15.02 -26.80
N SER A 617 -0.60 15.11 -26.33
CA SER A 617 0.44 14.24 -26.84
C SER A 617 0.18 12.79 -26.45
N THR A 618 -0.29 12.56 -25.23
CA THR A 618 -0.58 11.23 -24.72
C THR A 618 -2.05 10.90 -25.01
N ALA A 619 -2.32 10.43 -26.23
CA ALA A 619 -3.67 9.98 -26.56
C ALA A 619 -4.06 8.78 -25.69
N GLY A 620 -3.14 7.83 -25.52
CA GLY A 620 -3.31 6.77 -24.55
C GLY A 620 -2.54 7.06 -23.27
N SER A 621 -2.36 6.00 -22.47
CA SER A 621 -1.60 6.07 -21.22
C SER A 621 -2.16 7.15 -20.29
N GLY A 622 -3.34 6.84 -19.74
CA GLY A 622 -4.04 7.76 -18.87
C GLY A 622 -3.33 8.11 -17.58
N GLY A 623 -2.32 7.34 -17.18
CA GLY A 623 -1.62 7.62 -15.94
C GLY A 623 -0.90 8.96 -15.94
N VAL A 624 -0.23 9.29 -17.05
CA VAL A 624 0.58 10.50 -17.07
C VAL A 624 -0.28 11.76 -17.00
N GLN A 625 -1.46 11.74 -17.64
CA GLN A 625 -2.31 12.93 -17.62
C GLN A 625 -2.97 13.13 -16.27
N GLU A 626 -2.92 12.14 -15.38
CA GLU A 626 -3.35 12.36 -14.00
C GLU A 626 -2.48 13.40 -13.32
N ASP A 627 -1.17 13.35 -13.55
CA ASP A 627 -0.27 14.35 -13.00
C ASP A 627 -0.34 15.66 -13.77
N ALA A 628 -0.80 15.62 -15.02
CA ALA A 628 -0.80 16.83 -15.85
C ALA A 628 -1.78 17.87 -15.33
N LEU A 629 -3.04 17.48 -15.11
CA LEU A 629 -4.06 18.47 -14.78
C LEU A 629 -3.88 19.02 -13.36
N MET A 630 -3.42 18.20 -12.42
CA MET A 630 -3.09 18.73 -11.10
C MET A 630 -1.91 19.69 -11.14
N ALA A 631 -0.95 19.45 -12.04
CA ALA A 631 0.10 20.43 -12.27
C ALA A 631 -0.48 21.73 -12.84
N VAL A 632 -1.47 21.60 -13.73
CA VAL A 632 -2.16 22.78 -14.26
C VAL A 632 -2.84 23.55 -13.14
N SER A 633 -3.43 22.82 -12.17
CA SER A 633 -4.08 23.48 -11.04
C SER A 633 -3.09 24.28 -10.22
N THR A 634 -1.88 23.73 -10.01
CA THR A 634 -0.86 24.44 -9.26
C THR A 634 -0.53 25.79 -9.90
N LEU A 635 -0.53 25.84 -11.24
CA LEU A 635 -0.37 27.12 -11.92
C LEU A 635 -1.50 28.08 -11.56
N VAL A 636 -2.73 27.58 -11.55
CA VAL A 636 -3.88 28.43 -11.21
C VAL A 636 -3.80 28.88 -9.75
N GLU A 637 -3.30 28.01 -8.87
CA GLU A 637 -3.19 28.36 -7.45
C GLU A 637 -2.27 29.55 -7.23
N VAL A 638 -1.30 29.76 -8.13
CA VAL A 638 -0.33 30.82 -7.92
C VAL A 638 -0.55 31.98 -8.88
N LEU A 639 -1.04 31.71 -10.10
CA LEU A 639 -1.24 32.78 -11.07
C LEU A 639 -2.31 33.76 -10.61
N GLY A 640 -3.39 33.27 -10.03
CA GLY A 640 -4.45 34.15 -9.53
C GLY A 640 -5.62 34.21 -10.49
N GLY A 641 -6.33 35.33 -10.48
CA GLY A 641 -7.48 35.52 -11.34
C GLY A 641 -7.15 36.01 -12.73
N GLU A 642 -5.97 35.65 -13.24
CA GLU A 642 -5.53 36.01 -14.58
C GLU A 642 -5.49 34.81 -15.52
N PHE A 643 -6.10 33.69 -15.11
CA PHE A 643 -6.13 32.48 -15.93
C PHE A 643 -7.23 32.48 -16.97
N LEU A 644 -8.06 33.53 -17.01
CA LEU A 644 -9.13 33.60 -18.01
C LEU A 644 -8.60 33.69 -19.43
N LYS A 645 -7.31 34.02 -19.61
CA LYS A 645 -6.73 34.11 -20.93
C LYS A 645 -6.71 32.77 -21.65
N TYR A 646 -6.80 31.66 -20.91
CA TYR A 646 -6.74 30.33 -21.49
C TYR A 646 -8.00 29.50 -21.23
N MET A 647 -8.99 30.08 -20.55
CA MET A 647 -10.21 29.33 -20.25
C MET A 647 -10.95 28.90 -21.51
N GLU A 648 -11.08 29.80 -22.49
CA GLU A 648 -11.74 29.44 -23.74
C GLU A 648 -10.98 28.34 -24.49
N ALA A 649 -9.66 28.26 -24.31
CA ALA A 649 -8.84 27.19 -24.87
C ALA A 649 -8.59 26.08 -23.85
N PHE A 650 -9.47 25.94 -22.87
CA PHE A 650 -9.36 24.87 -21.87
C PHE A 650 -10.65 24.10 -21.66
N LYS A 651 -11.80 24.64 -22.06
CA LYS A 651 -13.07 23.96 -21.83
C LYS A 651 -13.17 22.59 -22.49
N PRO A 652 -12.82 22.39 -23.77
CA PRO A 652 -12.88 21.04 -24.33
C PRO A 652 -12.00 20.04 -23.60
N PHE A 653 -10.84 20.48 -23.10
CA PHE A 653 -9.98 19.57 -22.34
C PHE A 653 -10.54 19.33 -20.94
N LEU A 654 -11.06 20.38 -20.30
CA LEU A 654 -11.73 20.20 -19.01
C LEU A 654 -12.98 19.34 -19.17
N GLY A 655 -13.75 19.57 -20.23
CA GLY A 655 -14.96 18.78 -20.45
C GLY A 655 -14.66 17.31 -20.68
N ILE A 656 -13.68 17.01 -21.54
CA ILE A 656 -13.34 15.63 -21.84
C ILE A 656 -12.68 14.94 -20.65
N GLY A 657 -12.11 15.71 -19.72
CA GLY A 657 -11.54 15.11 -18.53
C GLY A 657 -12.57 14.45 -17.66
N LEU A 658 -13.72 15.10 -17.49
CA LEU A 658 -14.85 14.53 -16.75
C LEU A 658 -15.66 13.54 -17.58
N LYS A 659 -15.41 13.44 -18.89
CA LYS A 659 -16.14 12.54 -19.77
C LYS A 659 -15.46 11.19 -19.92
N ASN A 660 -14.64 10.79 -18.95
CA ASN A 660 -13.94 9.51 -19.03
C ASN A 660 -14.82 8.34 -18.57
N TYR A 661 -15.32 8.40 -17.34
CA TYR A 661 -16.18 7.40 -16.72
C TYR A 661 -15.48 6.04 -16.56
N ALA A 662 -14.19 5.96 -16.88
CA ALA A 662 -13.45 4.71 -16.78
C ALA A 662 -12.42 4.72 -15.66
N GLU A 663 -11.51 5.70 -15.66
CA GLU A 663 -10.53 5.84 -14.60
C GLU A 663 -11.03 6.85 -13.57
N TYR A 664 -11.07 6.43 -12.31
CA TYR A 664 -11.55 7.29 -11.24
C TYR A 664 -10.56 8.38 -10.84
N GLN A 665 -9.27 8.16 -11.04
CA GLN A 665 -8.28 9.11 -10.57
C GLN A 665 -8.35 10.43 -11.33
N VAL A 666 -8.51 10.38 -12.65
CA VAL A 666 -8.53 11.60 -13.45
C VAL A 666 -9.73 12.47 -13.06
N CYS A 667 -10.93 11.89 -12.99
CA CYS A 667 -12.10 12.65 -12.60
C CYS A 667 -12.02 13.08 -11.13
N LEU A 668 -11.37 12.28 -10.29
CA LEU A 668 -11.11 12.69 -8.92
C LEU A 668 -10.24 13.93 -8.89
N ALA A 669 -9.21 13.98 -9.74
CA ALA A 669 -8.42 15.18 -9.91
C ALA A 669 -9.18 16.26 -10.67
N ALA A 670 -10.05 15.88 -11.61
CA ALA A 670 -10.80 16.87 -12.37
C ALA A 670 -11.73 17.69 -11.49
N VAL A 671 -12.45 17.02 -10.57
CA VAL A 671 -13.33 17.76 -9.67
C VAL A 671 -12.52 18.67 -8.76
N GLY A 672 -11.26 18.32 -8.49
CA GLY A 672 -10.39 19.25 -7.81
C GLY A 672 -10.05 20.45 -8.65
N LEU A 673 -9.86 20.24 -9.96
CA LEU A 673 -9.51 21.33 -10.86
C LEU A 673 -10.62 22.38 -10.92
N VAL A 674 -11.86 21.94 -11.15
CA VAL A 674 -12.98 22.89 -11.17
C VAL A 674 -13.14 23.55 -9.81
N GLY A 675 -12.94 22.80 -8.72
CA GLY A 675 -12.92 23.43 -7.41
C GLY A 675 -11.82 24.46 -7.28
N ASP A 676 -10.64 24.16 -7.82
CA ASP A 676 -9.56 25.14 -7.84
C ASP A 676 -9.89 26.31 -8.76
N LEU A 677 -10.54 26.04 -9.88
CA LEU A 677 -10.91 27.12 -10.79
C LEU A 677 -11.87 28.11 -10.13
N CYS A 678 -12.96 27.62 -9.55
CA CYS A 678 -13.95 28.51 -8.96
C CYS A 678 -13.40 29.21 -7.72
N ARG A 679 -12.47 28.55 -7.02
CA ARG A 679 -11.88 29.13 -5.82
C ARG A 679 -11.02 30.35 -6.15
N ALA A 680 -10.55 30.47 -7.38
CA ALA A 680 -9.69 31.60 -7.75
C ALA A 680 -10.39 32.56 -8.70
N LEU A 681 -11.11 32.03 -9.69
CA LEU A 681 -11.81 32.86 -10.66
C LEU A 681 -12.97 33.64 -10.06
N GLN A 682 -13.48 33.22 -8.89
CA GLN A 682 -14.53 33.92 -8.15
C GLN A 682 -15.77 34.00 -9.02
N SER A 683 -16.26 35.20 -9.37
CA SER A 683 -17.55 35.34 -10.05
C SER A 683 -17.42 35.34 -11.56
N ASN A 684 -16.22 35.10 -12.09
CA ASN A 684 -16.01 35.03 -13.54
C ASN A 684 -16.22 33.63 -14.11
N ILE A 685 -16.59 32.67 -13.26
CA ILE A 685 -16.85 31.30 -13.73
C ILE A 685 -18.30 31.09 -14.12
N ILE A 686 -19.15 32.13 -14.03
CA ILE A 686 -20.56 31.96 -14.33
C ILE A 686 -20.81 31.43 -15.74
N PRO A 687 -20.23 31.98 -16.81
CA PRO A 687 -20.50 31.42 -18.15
C PRO A 687 -20.00 29.99 -18.32
N PHE A 688 -19.04 29.54 -17.53
CA PHE A 688 -18.50 28.20 -17.64
C PHE A 688 -19.18 27.20 -16.71
N CYS A 689 -20.05 27.68 -15.80
CA CYS A 689 -20.71 26.79 -14.86
C CYS A 689 -21.76 25.91 -15.54
N ASP A 690 -22.44 26.42 -16.57
CA ASP A 690 -23.52 25.66 -17.20
C ASP A 690 -23.00 24.38 -17.85
N GLU A 691 -21.85 24.46 -18.53
CA GLU A 691 -21.34 23.30 -19.25
C GLU A 691 -20.94 22.18 -18.28
N VAL A 692 -20.19 22.52 -17.23
CA VAL A 692 -19.72 21.49 -16.30
C VAL A 692 -20.87 20.91 -15.48
N MET A 693 -21.81 21.76 -15.05
CA MET A 693 -22.86 21.30 -14.15
C MET A 693 -23.75 20.25 -14.81
N GLN A 694 -24.13 20.47 -16.08
CA GLN A 694 -24.95 19.49 -16.78
C GLN A 694 -24.24 18.15 -16.89
N LEU A 695 -22.96 18.17 -17.26
CA LEU A 695 -22.18 16.93 -17.32
C LEU A 695 -21.97 16.33 -15.94
N LEU A 696 -21.78 17.18 -14.92
CA LEU A 696 -21.51 16.70 -13.57
C LEU A 696 -22.70 15.92 -13.02
N LEU A 697 -23.92 16.41 -13.26
CA LEU A 697 -25.10 15.69 -12.80
C LEU A 697 -25.23 14.33 -13.46
N GLU A 698 -24.75 14.20 -14.69
CA GLU A 698 -24.76 12.90 -15.36
C GLU A 698 -23.92 11.87 -14.62
N ASN A 699 -22.80 12.30 -14.04
CA ASN A 699 -21.96 11.37 -13.29
C ASN A 699 -22.70 10.81 -12.08
N LEU A 700 -23.56 11.63 -11.46
CA LEU A 700 -24.33 11.17 -10.32
C LEU A 700 -25.27 10.03 -10.70
N GLY A 701 -25.96 10.16 -11.83
CA GLY A 701 -26.89 9.13 -12.23
C GLY A 701 -26.22 7.80 -12.55
N ASN A 702 -25.11 7.85 -13.26
CA ASN A 702 -24.38 6.63 -13.60
C ASN A 702 -23.73 6.05 -12.35
N GLU A 703 -23.95 4.75 -12.13
CA GLU A 703 -23.37 4.04 -10.99
C GLU A 703 -22.24 3.11 -11.41
N ASN A 704 -21.86 3.13 -12.69
CA ASN A 704 -20.74 2.33 -13.16
C ASN A 704 -19.39 2.88 -12.71
N VAL A 705 -19.35 4.14 -12.27
CA VAL A 705 -18.11 4.76 -11.78
C VAL A 705 -17.73 4.14 -10.45
N HIS A 706 -16.48 4.37 -10.02
CA HIS A 706 -16.00 3.82 -8.77
C HIS A 706 -16.71 4.49 -7.59
N ARG A 707 -16.81 3.75 -6.48
CA ARG A 707 -17.50 4.26 -5.30
C ARG A 707 -16.73 5.42 -4.65
N SER A 708 -15.40 5.43 -4.78
CA SER A 708 -14.58 6.45 -4.12
C SER A 708 -14.78 7.84 -4.71
N VAL A 709 -15.04 7.96 -6.01
CA VAL A 709 -15.18 9.27 -6.62
C VAL A 709 -16.48 9.95 -6.23
N LYS A 710 -17.50 9.19 -5.84
CA LYS A 710 -18.80 9.79 -5.55
C LYS A 710 -18.76 10.86 -4.45
N PRO A 711 -18.14 10.63 -3.28
CA PRO A 711 -18.06 11.72 -2.29
C PRO A 711 -17.35 12.96 -2.81
N GLN A 712 -16.29 12.80 -3.62
CA GLN A 712 -15.61 13.96 -4.18
C GLN A 712 -16.48 14.71 -5.17
N ILE A 713 -17.29 14.00 -5.96
CA ILE A 713 -18.20 14.67 -6.88
C ILE A 713 -19.22 15.51 -6.11
N LEU A 714 -19.77 14.95 -5.04
CA LEU A 714 -20.68 15.71 -4.19
C LEU A 714 -19.96 16.83 -3.46
N SER A 715 -18.63 16.73 -3.32
CA SER A 715 -17.88 17.74 -2.57
C SER A 715 -17.81 19.06 -3.32
N VAL A 716 -17.82 19.02 -4.66
CA VAL A 716 -17.63 20.23 -5.43
C VAL A 716 -18.91 21.04 -5.58
N PHE A 717 -20.06 20.45 -5.26
CA PHE A 717 -21.32 21.18 -5.42
C PHE A 717 -21.40 22.37 -4.48
N GLY A 718 -20.94 22.21 -3.23
CA GLY A 718 -21.07 23.29 -2.26
C GLY A 718 -20.23 24.50 -2.59
N ASP A 719 -18.96 24.29 -2.97
CA ASP A 719 -18.03 25.41 -3.11
C ASP A 719 -18.34 26.29 -4.31
N ILE A 720 -18.86 25.74 -5.41
CA ILE A 720 -19.13 26.56 -6.59
C ILE A 720 -20.20 27.61 -6.30
N ALA A 721 -21.11 27.32 -5.36
CA ALA A 721 -22.13 28.31 -5.00
C ALA A 721 -21.54 29.45 -4.18
N LEU A 722 -20.48 29.16 -3.41
CA LEU A 722 -19.85 30.19 -2.59
C LEU A 722 -19.23 31.29 -3.44
N ALA A 723 -18.79 30.96 -4.65
CA ALA A 723 -18.15 31.96 -5.50
C ALA A 723 -19.19 32.81 -6.23
N ILE A 724 -20.10 32.17 -6.96
CA ILE A 724 -21.11 32.90 -7.72
C ILE A 724 -22.09 33.66 -6.84
N GLY A 725 -22.45 33.11 -5.69
CA GLY A 725 -23.39 33.79 -4.80
C GLY A 725 -24.78 33.22 -4.92
N GLY A 726 -25.72 34.05 -5.36
CA GLY A 726 -27.11 33.66 -5.45
C GLY A 726 -27.58 33.43 -6.87
N GLU A 727 -26.73 32.84 -7.70
CA GLU A 727 -27.05 32.55 -9.09
C GLU A 727 -27.19 31.06 -9.34
N PHE A 728 -27.13 30.23 -8.29
CA PHE A 728 -27.18 28.79 -8.41
C PHE A 728 -28.58 28.22 -8.28
N LYS A 729 -29.61 29.08 -8.21
CA LYS A 729 -30.97 28.61 -8.02
C LYS A 729 -31.49 27.76 -9.18
N LYS A 730 -30.91 27.92 -10.37
CA LYS A 730 -31.37 27.14 -11.53
C LYS A 730 -30.98 25.67 -11.44
N TYR A 731 -30.05 25.31 -10.56
CA TYR A 731 -29.67 23.93 -10.35
C TYR A 731 -29.95 23.46 -8.92
N LEU A 732 -30.52 24.31 -8.07
CA LEU A 732 -30.71 23.96 -6.67
C LEU A 732 -31.70 22.81 -6.51
N GLU A 733 -32.75 22.78 -7.32
CA GLU A 733 -33.77 21.74 -7.16
C GLU A 733 -33.21 20.35 -7.52
N VAL A 734 -32.36 20.29 -8.53
CA VAL A 734 -31.85 18.99 -9.00
C VAL A 734 -30.91 18.37 -7.97
N VAL A 735 -30.00 19.16 -7.41
CA VAL A 735 -29.00 18.60 -6.49
C VAL A 735 -29.64 18.09 -5.22
N LEU A 736 -30.65 18.79 -4.69
CA LEU A 736 -31.28 18.37 -3.45
C LEU A 736 -31.92 16.99 -3.60
N ASN A 737 -32.52 16.72 -4.75
CA ASN A 737 -33.06 15.38 -5.01
C ASN A 737 -31.95 14.34 -5.01
N THR A 738 -30.82 14.63 -5.66
CA THR A 738 -29.68 13.74 -5.61
C THR A 738 -29.10 13.64 -4.21
N LEU A 739 -29.02 14.78 -3.51
CA LEU A 739 -28.59 14.76 -2.12
C LEU A 739 -29.55 13.95 -1.25
N GLN A 740 -30.86 14.07 -1.51
CA GLN A 740 -31.82 13.22 -0.83
C GLN A 740 -31.56 11.74 -1.10
N GLN A 741 -31.40 11.39 -2.38
CA GLN A 741 -31.17 9.99 -2.73
C GLN A 741 -29.86 9.45 -2.18
N ALA A 742 -28.79 10.24 -2.26
CA ALA A 742 -27.50 9.77 -1.77
C ALA A 742 -27.53 9.52 -0.26
N SER A 743 -28.19 10.41 0.48
CA SER A 743 -28.30 10.25 1.92
C SER A 743 -29.17 9.07 2.33
N GLN A 744 -30.07 8.63 1.45
CA GLN A 744 -30.91 7.47 1.76
C GLN A 744 -30.12 6.17 1.85
N ALA A 745 -29.05 6.04 1.08
CA ALA A 745 -28.28 4.80 1.02
C ALA A 745 -27.62 4.51 2.36
N GLN A 746 -27.75 3.27 2.81
CA GLN A 746 -27.13 2.81 4.05
C GLN A 746 -26.64 1.38 3.84
N VAL A 747 -25.66 0.98 4.65
CA VAL A 747 -25.09 -0.36 4.59
C VAL A 747 -24.89 -0.86 6.02
N ASP A 748 -24.78 -2.17 6.16
CA ASP A 748 -24.60 -2.78 7.47
C ASP A 748 -23.16 -2.53 7.95
N LYS A 749 -22.89 -2.98 9.17
CA LYS A 749 -21.55 -2.89 9.76
C LYS A 749 -21.02 -4.30 9.95
N SER A 750 -20.41 -4.84 8.89
CA SER A 750 -19.75 -6.12 8.92
C SER A 750 -18.33 -6.06 8.37
N ASP A 751 -18.09 -5.26 7.33
CA ASP A 751 -16.79 -5.11 6.72
C ASP A 751 -16.31 -3.68 6.89
N TYR A 752 -15.12 -3.52 7.48
CA TYR A 752 -14.63 -2.21 7.85
C TYR A 752 -14.37 -1.31 6.64
N ASP A 753 -14.20 -1.88 5.45
CA ASP A 753 -13.96 -1.07 4.27
C ASP A 753 -15.16 -0.18 3.95
N MET A 754 -16.35 -0.76 3.90
CA MET A 754 -17.55 0.02 3.61
C MET A 754 -18.06 0.77 4.83
N VAL A 755 -17.70 0.33 6.04
CA VAL A 755 -18.11 1.05 7.24
C VAL A 755 -17.45 2.43 7.29
N ASP A 756 -16.16 2.51 7.01
CA ASP A 756 -15.48 3.79 6.98
C ASP A 756 -15.72 4.52 5.66
N TYR A 757 -16.17 3.80 4.63
CA TYR A 757 -16.50 4.44 3.36
C TYR A 757 -17.68 5.38 3.50
N LEU A 758 -18.70 4.97 4.26
CA LEU A 758 -19.87 5.83 4.43
C LEU A 758 -19.56 7.03 5.30
N ASN A 759 -18.56 6.91 6.20
CA ASN A 759 -18.17 8.03 7.03
C ASN A 759 -17.67 9.21 6.20
N GLU A 760 -16.76 8.95 5.27
CA GLU A 760 -16.32 10.02 4.38
C GLU A 760 -17.42 10.41 3.40
N LEU A 761 -18.32 9.48 3.08
CA LEU A 761 -19.44 9.81 2.20
C LEU A 761 -20.37 10.82 2.87
N ARG A 762 -20.79 10.54 4.10
CA ARG A 762 -21.61 11.50 4.82
C ARG A 762 -20.83 12.75 5.19
N GLU A 763 -19.49 12.62 5.31
CA GLU A 763 -18.66 13.80 5.49
C GLU A 763 -18.77 14.74 4.29
N SER A 764 -18.74 14.16 3.08
CA SER A 764 -18.91 14.97 1.88
C SER A 764 -20.31 15.54 1.79
N CYS A 765 -21.30 14.80 2.30
CA CYS A 765 -22.67 15.30 2.31
C CYS A 765 -22.80 16.56 3.15
N LEU A 766 -22.13 16.59 4.31
CA LEU A 766 -22.23 17.73 5.20
C LEU A 766 -21.66 18.99 4.56
N GLU A 767 -20.45 18.90 4.01
CA GLU A 767 -19.80 20.08 3.46
C GLU A 767 -20.52 20.60 2.23
N ALA A 768 -21.19 19.72 1.48
CA ALA A 768 -22.00 20.17 0.35
C ALA A 768 -23.12 21.10 0.82
N TYR A 769 -23.77 20.74 1.93
CA TYR A 769 -24.83 21.58 2.46
C TYR A 769 -24.29 22.91 2.98
N THR A 770 -23.06 22.90 3.51
CA THR A 770 -22.47 24.14 3.99
C THR A 770 -22.25 25.14 2.84
N GLY A 771 -21.79 24.65 1.70
CA GLY A 771 -21.50 25.55 0.59
C GLY A 771 -22.74 26.25 0.04
N ILE A 772 -23.82 25.51 -0.16
CA ILE A 772 -25.03 26.12 -0.71
C ILE A 772 -25.65 27.07 0.29
N VAL A 773 -25.62 26.74 1.58
CA VAL A 773 -26.10 27.68 2.60
C VAL A 773 -25.25 28.93 2.61
N GLN A 774 -23.92 28.78 2.57
CA GLN A 774 -23.04 29.94 2.52
C GLN A 774 -23.14 30.66 1.18
N GLY A 775 -23.31 29.92 0.08
CA GLY A 775 -23.39 30.54 -1.23
C GLY A 775 -24.59 31.47 -1.36
N LEU A 776 -25.77 31.01 -0.94
CA LEU A 776 -26.95 31.85 -0.98
C LEU A 776 -26.95 32.92 0.10
N LYS A 777 -26.16 32.74 1.17
CA LYS A 777 -26.11 33.72 2.23
C LYS A 777 -25.51 35.04 1.74
N GLY A 778 -24.63 34.97 0.75
CA GLY A 778 -24.00 36.16 0.20
C GLY A 778 -22.65 36.46 0.81
N ASP A 779 -22.35 37.74 1.01
CA ASP A 779 -21.06 38.15 1.55
C ASP A 779 -21.19 38.75 2.94
N GLN A 780 -22.09 39.72 3.13
CA GLN A 780 -22.23 40.34 4.45
C GLN A 780 -23.66 40.68 4.84
N GLU A 781 -24.61 40.72 3.92
CA GLU A 781 -25.97 41.16 4.24
C GLU A 781 -26.74 40.01 4.90
N ASN A 782 -28.03 40.25 5.16
CA ASN A 782 -28.87 39.26 5.83
C ASN A 782 -29.22 38.14 4.85
N VAL A 783 -30.08 37.22 5.29
CA VAL A 783 -30.43 36.06 4.48
C VAL A 783 -31.23 36.51 3.26
N HIS A 784 -30.84 36.01 2.10
CA HIS A 784 -31.52 36.33 0.86
C HIS A 784 -32.86 35.58 0.79
N PRO A 785 -33.79 36.05 -0.04
CA PRO A 785 -35.05 35.30 -0.25
C PRO A 785 -34.85 33.92 -0.83
N ASP A 786 -33.68 33.63 -1.41
CA ASP A 786 -33.38 32.30 -1.93
C ASP A 786 -33.35 31.23 -0.86
N VAL A 787 -33.26 31.61 0.42
CA VAL A 787 -33.18 30.63 1.49
C VAL A 787 -34.47 29.81 1.61
N MET A 788 -35.59 30.34 1.13
CA MET A 788 -36.85 29.61 1.22
C MET A 788 -36.90 28.40 0.30
N LEU A 789 -36.04 28.36 -0.73
CA LEU A 789 -36.00 27.21 -1.61
C LEU A 789 -35.52 25.95 -0.88
N VAL A 790 -34.52 26.09 -0.01
CA VAL A 790 -34.03 24.98 0.79
C VAL A 790 -34.71 24.90 2.15
N GLN A 791 -35.67 25.78 2.42
CA GLN A 791 -36.36 25.76 3.71
C GLN A 791 -37.07 24.45 4.00
N PRO A 792 -37.86 23.85 3.10
CA PRO A 792 -38.50 22.57 3.43
C PRO A 792 -37.51 21.44 3.69
N ARG A 793 -36.31 21.51 3.14
CA ARG A 793 -35.33 20.43 3.27
C ARG A 793 -34.54 20.46 4.57
N VAL A 794 -34.58 21.57 5.32
CA VAL A 794 -33.76 21.66 6.53
C VAL A 794 -34.17 20.62 7.56
N GLU A 795 -35.44 20.20 7.59
CA GLU A 795 -35.84 19.11 8.47
C GLU A 795 -35.15 17.81 8.06
N PHE A 796 -35.09 17.53 6.75
CA PHE A 796 -34.41 16.33 6.28
C PHE A 796 -32.92 16.41 6.55
N ILE A 797 -32.30 17.56 6.32
CA ILE A 797 -30.86 17.71 6.56
C ILE A 797 -30.54 17.48 8.03
N LEU A 798 -31.33 18.09 8.92
CA LEU A 798 -31.17 17.82 10.35
C LEU A 798 -31.53 16.37 10.68
N SER A 799 -32.44 15.77 9.92
CA SER A 799 -32.76 14.36 10.13
C SER A 799 -31.60 13.46 9.72
N PHE A 800 -30.88 13.83 8.66
CA PHE A 800 -29.75 13.01 8.22
C PHE A 800 -28.66 12.97 9.28
N ILE A 801 -28.35 14.10 9.90
CA ILE A 801 -27.36 14.11 10.98
C ILE A 801 -27.93 13.52 12.26
N ASP A 802 -29.24 13.43 12.38
CA ASP A 802 -29.84 12.72 13.52
C ASP A 802 -29.41 11.25 13.51
N HIS A 803 -29.50 10.59 12.35
CA HIS A 803 -29.01 9.22 12.24
C HIS A 803 -27.51 9.14 12.46
N ILE A 804 -26.75 10.09 11.93
CA ILE A 804 -25.30 10.09 12.11
C ILE A 804 -24.96 10.25 13.60
N ALA A 805 -25.66 11.15 14.28
CA ALA A 805 -25.44 11.31 15.72
C ALA A 805 -25.80 10.04 16.49
N GLY A 806 -26.83 9.32 16.04
CA GLY A 806 -27.20 8.07 16.69
C GLY A 806 -26.22 6.94 16.44
N ASP A 807 -25.41 7.04 15.39
CA ASP A 807 -24.42 6.02 15.10
C ASP A 807 -23.29 6.09 16.13
N GLU A 808 -22.47 5.03 16.16
CA GLU A 808 -21.38 4.93 17.12
C GLU A 808 -20.04 4.66 16.45
N ASP A 809 -20.01 4.51 15.13
CA ASP A 809 -18.73 4.35 14.44
C ASP A 809 -17.94 5.65 14.45
N HIS A 810 -18.50 6.70 13.84
CA HIS A 810 -18.02 8.07 13.95
C HIS A 810 -16.62 8.28 13.36
N THR A 811 -16.28 9.54 13.11
CA THR A 811 -14.96 9.93 12.64
C THR A 811 -14.75 11.39 12.98
N ASP A 812 -13.54 11.73 13.42
CA ASP A 812 -13.24 13.10 13.83
C ASP A 812 -13.52 14.10 12.71
N GLY A 813 -13.30 13.70 11.46
CA GLY A 813 -13.68 14.56 10.34
C GLY A 813 -15.18 14.75 10.23
N VAL A 814 -15.96 13.69 10.45
CA VAL A 814 -17.41 13.79 10.33
C VAL A 814 -17.97 14.72 11.39
N VAL A 815 -17.51 14.57 12.63
CA VAL A 815 -18.05 15.38 13.72
C VAL A 815 -17.62 16.83 13.61
N ALA A 816 -16.60 17.13 12.80
CA ALA A 816 -16.14 18.51 12.66
C ALA A 816 -17.11 19.33 11.81
N CYS A 817 -17.27 18.94 10.54
CA CYS A 817 -18.10 19.73 9.63
C CYS A 817 -19.57 19.77 10.05
N ALA A 818 -20.04 18.76 10.77
CA ALA A 818 -21.41 18.80 11.29
C ALA A 818 -21.58 19.98 12.23
N ALA A 819 -20.62 20.20 13.12
CA ALA A 819 -20.68 21.37 14.00
C ALA A 819 -20.62 22.66 13.21
N GLY A 820 -19.76 22.72 12.19
CA GLY A 820 -19.71 23.91 11.35
C GLY A 820 -20.99 24.14 10.59
N LEU A 821 -21.60 23.06 10.09
CA LEU A 821 -22.88 23.18 9.39
C LEU A 821 -23.99 23.71 10.28
N ILE A 822 -23.97 23.31 11.56
CA ILE A 822 -24.99 23.80 12.50
C ILE A 822 -24.95 25.32 12.60
N GLY A 823 -23.75 25.89 12.70
CA GLY A 823 -23.63 27.34 12.71
C GLY A 823 -24.17 27.98 11.45
N ASP A 824 -23.91 27.37 10.30
CA ASP A 824 -24.47 27.86 9.04
C ASP A 824 -25.98 27.76 9.04
N LEU A 825 -26.53 26.64 9.52
CA LEU A 825 -27.97 26.49 9.62
C LEU A 825 -28.58 27.46 10.62
N CYS A 826 -27.89 27.70 11.74
CA CYS A 826 -28.37 28.69 12.70
C CYS A 826 -28.41 30.08 12.08
N THR A 827 -27.39 30.42 11.29
CA THR A 827 -27.40 31.70 10.59
C THR A 827 -28.50 31.75 9.54
N ALA A 828 -28.81 30.61 8.91
CA ALA A 828 -29.82 30.58 7.86
C ALA A 828 -31.19 31.01 8.39
N PHE A 829 -31.68 30.35 9.42
CA PHE A 829 -33.00 30.64 9.96
C PHE A 829 -32.96 31.08 11.42
N GLY A 830 -32.38 30.28 12.31
CA GLY A 830 -32.32 30.64 13.70
C GLY A 830 -33.50 30.15 14.52
N LYS A 831 -34.49 31.02 14.75
CA LYS A 831 -35.66 30.64 15.54
C LYS A 831 -36.41 29.48 14.90
N ASP A 832 -36.44 29.41 13.56
CA ASP A 832 -37.14 28.32 12.90
C ASP A 832 -36.51 26.96 13.22
N VAL A 833 -35.17 26.89 13.24
CA VAL A 833 -34.47 25.65 13.55
C VAL A 833 -34.49 25.33 15.03
N LEU A 834 -34.88 26.28 15.88
CA LEU A 834 -34.88 26.04 17.33
C LEU A 834 -35.84 24.92 17.70
N LYS A 835 -37.04 24.91 17.12
CA LYS A 835 -37.97 23.81 17.37
C LYS A 835 -37.45 22.50 16.78
N LEU A 836 -36.79 22.57 15.63
CA LEU A 836 -36.28 21.36 14.99
C LEU A 836 -35.17 20.72 15.82
N VAL A 837 -34.23 21.51 16.32
CA VAL A 837 -33.11 20.95 17.08
C VAL A 837 -33.55 20.40 18.43
N GLU A 838 -34.55 21.00 19.08
CA GLU A 838 -35.04 20.50 20.36
C GLU A 838 -35.65 19.11 20.25
N ALA A 839 -36.17 18.74 19.08
CA ALA A 839 -36.73 17.40 18.89
C ALA A 839 -35.65 16.36 18.65
N ARG A 840 -34.39 16.77 18.48
CA ARG A 840 -33.30 15.85 18.21
C ARG A 840 -32.21 16.02 19.27
N PRO A 841 -32.27 15.28 20.37
CA PRO A 841 -31.24 15.42 21.41
C PRO A 841 -29.91 14.76 21.08
N MET A 842 -29.87 13.91 20.04
CA MET A 842 -28.62 13.22 19.71
C MET A 842 -27.57 14.17 19.12
N ILE A 843 -27.99 15.28 18.52
CA ILE A 843 -27.01 16.27 18.08
C ILE A 843 -26.38 16.98 19.26
N HIS A 844 -27.10 17.09 20.38
CA HIS A 844 -26.53 17.71 21.58
C HIS A 844 -25.38 16.88 22.13
N GLU A 845 -25.53 15.55 22.16
CA GLU A 845 -24.43 14.71 22.61
C GLU A 845 -23.34 14.60 21.54
N LEU A 846 -23.70 14.80 20.27
CA LEU A 846 -22.70 14.76 19.20
C LEU A 846 -21.80 15.99 19.24
N LEU A 847 -22.32 17.11 19.75
CA LEU A 847 -21.50 18.32 19.86
C LEU A 847 -20.69 18.36 21.15
N THR A 848 -21.18 17.72 22.22
CA THR A 848 -20.41 17.65 23.45
C THR A 848 -19.13 16.86 23.26
N GLU A 849 -19.19 15.76 22.50
CA GLU A 849 -17.98 15.02 22.18
C GLU A 849 -17.08 15.77 21.22
N GLY A 850 -17.58 16.84 20.61
CA GLY A 850 -16.71 17.72 19.84
C GLY A 850 -15.64 18.36 20.71
N ARG A 851 -16.00 18.68 21.96
CA ARG A 851 -14.99 19.13 22.92
C ARG A 851 -13.97 18.04 23.18
N ARG A 852 -14.43 16.78 23.25
CA ARG A 852 -13.52 15.66 23.44
C ARG A 852 -12.56 15.49 22.27
N SER A 853 -13.03 15.78 21.05
CA SER A 853 -12.21 15.59 19.86
C SER A 853 -10.93 16.41 19.94
N LYS A 854 -9.81 15.75 19.68
CA LYS A 854 -8.49 16.36 19.80
C LYS A 854 -8.14 17.29 18.66
N THR A 855 -8.73 17.10 17.48
CA THR A 855 -8.42 17.94 16.33
C THR A 855 -8.82 19.39 16.60
N ASN A 856 -7.92 20.31 16.26
CA ASN A 856 -8.17 21.72 16.53
C ASN A 856 -9.35 22.26 15.74
N LYS A 857 -9.47 21.88 14.47
CA LYS A 857 -10.59 22.35 13.65
C LYS A 857 -11.92 21.85 14.21
N ALA A 858 -11.92 20.67 14.84
CA ALA A 858 -13.13 20.23 15.54
C ALA A 858 -13.47 21.17 16.68
N LYS A 859 -12.46 21.62 17.43
CA LYS A 859 -12.68 22.57 18.52
C LYS A 859 -13.25 23.88 17.99
N THR A 860 -12.67 24.40 16.91
CA THR A 860 -13.13 25.68 16.36
C THR A 860 -14.58 25.58 15.87
N LEU A 861 -14.92 24.48 15.21
CA LEU A 861 -16.30 24.29 14.77
C LEU A 861 -17.22 23.95 15.93
N ALA A 862 -16.69 23.30 16.97
CA ALA A 862 -17.50 23.01 18.15
C ALA A 862 -17.89 24.30 18.87
N ARG A 863 -16.92 25.18 19.11
CA ARG A 863 -17.24 26.46 19.74
C ARG A 863 -18.10 27.33 18.83
N TRP A 864 -17.91 27.22 17.52
CA TRP A 864 -18.77 27.93 16.58
C TRP A 864 -20.21 27.44 16.68
N ALA A 865 -20.40 26.13 16.83
CA ALA A 865 -21.75 25.59 16.93
C ALA A 865 -22.46 26.03 18.20
N THR A 866 -21.76 25.97 19.35
CA THR A 866 -22.41 26.27 20.62
C THR A 866 -22.63 27.77 20.82
N LYS A 867 -21.74 28.62 20.29
CA LYS A 867 -21.92 30.05 20.47
C LYS A 867 -23.17 30.55 19.76
N GLU A 868 -23.47 30.02 18.57
CA GLU A 868 -24.67 30.44 17.86
C GLU A 868 -25.92 29.80 18.45
N LEU A 869 -25.79 28.60 19.03
CA LEU A 869 -26.91 27.98 19.71
C LEU A 869 -27.38 28.83 20.89
N ARG A 870 -26.44 29.40 21.65
CA ARG A 870 -26.81 30.30 22.73
C ARG A 870 -27.50 31.55 22.21
N LYS A 871 -27.02 32.09 21.08
CA LYS A 871 -27.64 33.29 20.52
C LYS A 871 -29.08 33.02 20.08
N LEU A 872 -29.33 31.83 19.51
CA LEU A 872 -30.70 31.48 19.13
C LEU A 872 -31.60 31.39 20.36
N LYS A 873 -31.12 30.75 21.43
CA LYS A 873 -31.89 30.70 22.66
C LYS A 873 -32.05 32.08 23.28
N ASN A 874 -31.03 32.94 23.17
CA ASN A 874 -31.10 34.30 23.67
C ASN A 874 -31.71 35.27 22.66
N GLN A 875 -32.10 34.77 21.48
CA GLN A 875 -32.74 35.64 20.49
C GLN A 875 -34.05 36.21 21.01
N ALA A 876 -34.85 35.37 21.66
CA ALA A 876 -36.13 35.82 22.22
C ALA A 876 -36.00 36.10 23.72
N ALA B 1 5.09 -13.55 1.20
CA ALA B 1 6.01 -13.52 0.08
C ALA B 1 7.37 -12.96 0.50
N ALA B 2 7.83 -11.94 -0.21
CA ALA B 2 9.12 -11.31 0.06
C ALA B 2 8.89 -9.91 0.63
N ARG B 3 9.61 -9.59 1.71
CA ARG B 3 9.55 -8.28 2.35
C ARG B 3 10.72 -7.40 1.95
N LEU B 4 11.15 -7.50 0.69
CA LEU B 4 12.34 -6.79 0.21
C LEU B 4 12.20 -5.27 0.29
N HIS B 5 11.04 -4.76 0.71
CA HIS B 5 10.87 -3.31 0.79
C HIS B 5 11.42 -2.71 2.07
N ARG B 6 12.34 -3.39 2.75
CA ARG B 6 12.98 -2.87 3.95
C ARG B 6 14.50 -2.93 3.89
N PHE B 7 15.08 -3.25 2.74
CA PHE B 7 16.53 -3.39 2.59
C PHE B 7 17.11 -2.06 2.16
N LYS B 8 17.55 -1.26 3.14
CA LYS B 8 18.21 0.04 2.91
C LYS B 8 17.25 0.94 2.16
N ASN B 9 17.41 1.13 0.85
CA ASN B 9 16.59 2.05 0.07
C ASN B 9 16.13 1.42 -1.24
N LYS B 10 15.75 0.14 -1.18
CA LYS B 10 15.16 -0.52 -2.34
C LYS B 10 13.64 -0.47 -2.32
N GLY B 11 13.04 0.08 -1.26
CA GLY B 11 11.60 0.22 -1.18
C GLY B 11 11.15 1.61 -1.54
N LYS B 12 11.82 2.24 -2.49
CA LYS B 12 11.52 3.59 -2.95
C LYS B 12 11.42 3.54 -4.47
N ASP B 13 10.24 3.21 -4.98
CA ASP B 13 10.00 3.02 -6.39
C ASP B 13 9.29 4.25 -6.96
N SER B 14 9.17 4.27 -8.30
CA SER B 14 8.47 5.37 -8.95
C SER B 14 7.01 5.43 -8.54
N THR B 15 6.32 4.29 -8.50
CA THR B 15 4.94 4.27 -8.07
C THR B 15 4.79 4.63 -6.59
N GLU B 16 5.72 4.16 -5.75
CA GLU B 16 5.63 4.45 -4.32
C GLU B 16 5.73 5.95 -4.06
N MET B 17 6.65 6.64 -4.74
CA MET B 17 6.80 8.07 -4.54
C MET B 17 5.58 8.84 -5.06
N ARG B 18 4.86 8.29 -6.03
CA ARG B 18 3.69 8.96 -6.57
C ARG B 18 2.62 9.19 -5.51
N ARG B 19 2.30 8.15 -4.73
CA ARG B 19 1.25 8.30 -3.72
C ARG B 19 1.69 9.20 -2.58
N ARG B 20 2.99 9.27 -2.30
CA ARG B 20 3.48 10.15 -1.24
C ARG B 20 3.31 11.62 -1.61
N ARG B 21 3.49 11.95 -2.90
CA ARG B 21 3.41 13.33 -3.33
C ARG B 21 1.96 13.83 -3.34
N ILE B 22 1.04 13.01 -3.85
CA ILE B 22 -0.35 13.44 -3.98
C ILE B 22 -1.01 13.67 -2.63
N GLU B 23 -0.72 12.81 -1.64
CA GLU B 23 -1.32 13.02 -0.33
C GLU B 23 -0.85 14.32 0.31
N VAL B 24 0.36 14.77 -0.01
CA VAL B 24 0.81 16.07 0.46
C VAL B 24 0.02 17.18 -0.22
N ASN B 25 -0.19 17.07 -1.53
CA ASN B 25 -0.89 18.11 -2.27
C ASN B 25 -2.33 18.28 -1.78
N VAL B 26 -3.03 17.17 -1.56
CA VAL B 26 -4.43 17.26 -1.13
C VAL B 26 -4.53 17.88 0.26
N GLU B 27 -3.59 17.60 1.15
CA GLU B 27 -3.57 18.25 2.45
C GLU B 27 -3.36 19.76 2.31
N LEU B 28 -2.46 20.16 1.41
CA LEU B 28 -2.31 21.58 1.10
C LEU B 28 -3.60 22.15 0.53
N ARG B 29 -4.26 21.39 -0.34
CA ARG B 29 -5.59 21.78 -0.80
C ARG B 29 -6.56 21.87 0.37
N LYS B 30 -6.51 20.89 1.27
CA LYS B 30 -7.32 20.96 2.49
C LYS B 30 -6.90 22.15 3.34
N ALA B 31 -5.59 22.34 3.53
CA ALA B 31 -5.12 23.44 4.38
C ALA B 31 -5.50 24.79 3.79
N LYS B 32 -5.34 24.95 2.47
CA LYS B 32 -5.70 26.23 1.84
C LYS B 32 -7.20 26.47 1.92
N LYS B 33 -8.00 25.41 1.91
CA LYS B 33 -9.45 25.56 1.99
C LYS B 33 -9.87 26.14 3.34
N ASP B 34 -9.47 25.49 4.44
CA ASP B 34 -9.87 25.97 5.76
C ASP B 34 -9.22 27.33 6.08
N ASP B 35 -7.96 27.51 5.71
CA ASP B 35 -7.29 28.79 5.99
C ASP B 35 -8.01 29.95 5.30
N GLN B 36 -8.39 29.76 4.03
CA GLN B 36 -9.21 30.76 3.35
C GLN B 36 -10.56 30.92 4.03
N MET B 37 -11.17 29.81 4.46
CA MET B 37 -12.48 29.87 5.09
C MET B 37 -12.39 30.45 6.49
N LEU B 38 -11.41 30.02 7.29
CA LEU B 38 -11.32 30.47 8.67
C LEU B 38 -11.08 31.97 8.77
N LYS B 39 -10.22 32.52 7.91
CA LYS B 39 -9.93 33.95 7.96
C LYS B 39 -11.16 34.79 7.66
N ARG B 40 -12.04 34.32 6.77
CA ARG B 40 -13.28 35.03 6.49
C ARG B 40 -14.31 34.86 7.61
N ARG B 41 -14.21 33.80 8.42
CA ARG B 41 -15.22 33.55 9.44
C ARG B 41 -14.95 34.35 10.71
N ASN B 42 -13.81 34.10 11.35
CA ASN B 42 -13.44 34.74 12.61
C ASN B 42 -12.02 34.32 12.95
N VAL B 43 -11.35 35.15 13.75
CA VAL B 43 -9.98 34.86 14.17
C VAL B 43 -9.99 33.92 15.38
#